data_3PZ7
# 
_entry.id   3PZ7 
# 
_audit_conform.dict_name       mmcif_pdbx.dic 
_audit_conform.dict_version    5.397 
_audit_conform.dict_location   http://mmcif.pdb.org/dictionaries/ascii/mmcif_pdbx.dic 
# 
loop_
_database_2.database_id 
_database_2.database_code 
_database_2.pdbx_database_accession 
_database_2.pdbx_DOI 
PDB   3PZ7         pdb_00003pz7 10.2210/pdb3pz7/pdb 
RCSB  RCSB062993   ?            ?                   
WWPDB D_1000062993 ?            ?                   
# 
loop_
_pdbx_audit_revision_history.ordinal 
_pdbx_audit_revision_history.data_content_type 
_pdbx_audit_revision_history.major_revision 
_pdbx_audit_revision_history.minor_revision 
_pdbx_audit_revision_history.revision_date 
1 'Structure model' 1 0 2010-12-29 
2 'Structure model' 1 1 2011-07-13 
3 'Structure model' 1 2 2024-10-30 
# 
_pdbx_audit_revision_details.ordinal             1 
_pdbx_audit_revision_details.revision_ordinal    1 
_pdbx_audit_revision_details.data_content_type   'Structure model' 
_pdbx_audit_revision_details.provider            repository 
_pdbx_audit_revision_details.type                'Initial release' 
_pdbx_audit_revision_details.description         ? 
_pdbx_audit_revision_details.details             ? 
# 
loop_
_pdbx_audit_revision_group.ordinal 
_pdbx_audit_revision_group.revision_ordinal 
_pdbx_audit_revision_group.data_content_type 
_pdbx_audit_revision_group.group 
1 2 'Structure model' 'Version format compliance' 
2 3 'Structure model' 'Data collection'           
3 3 'Structure model' 'Database references'       
4 3 'Structure model' 'Derived calculations'      
5 3 'Structure model' 'Structure summary'         
# 
loop_
_pdbx_audit_revision_category.ordinal 
_pdbx_audit_revision_category.revision_ordinal 
_pdbx_audit_revision_category.data_content_type 
_pdbx_audit_revision_category.category 
1 3 'Structure model' chem_comp_atom            
2 3 'Structure model' chem_comp_bond            
3 3 'Structure model' database_2                
4 3 'Structure model' pdbx_entry_details        
5 3 'Structure model' pdbx_modification_feature 
6 3 'Structure model' struct_conn               
7 3 'Structure model' struct_ref_seq_dif        
8 3 'Structure model' struct_site               
# 
loop_
_pdbx_audit_revision_item.ordinal 
_pdbx_audit_revision_item.revision_ordinal 
_pdbx_audit_revision_item.data_content_type 
_pdbx_audit_revision_item.item 
1 3 'Structure model' '_database_2.pdbx_DOI'                         
2 3 'Structure model' '_database_2.pdbx_database_accession'          
3 3 'Structure model' '_pdbx_entry_details.has_protein_modification' 
4 3 'Structure model' '_struct_conn.pdbx_leaving_atom_flag'          
5 3 'Structure model' '_struct_ref_seq_dif.details'                  
6 3 'Structure model' '_struct_site.pdbx_auth_asym_id'               
7 3 'Structure model' '_struct_site.pdbx_auth_comp_id'               
8 3 'Structure model' '_struct_site.pdbx_auth_seq_id'                
# 
_pdbx_database_status.status_code                     REL 
_pdbx_database_status.entry_id                        3PZ7 
_pdbx_database_status.recvd_initial_deposition_date   2010-12-14 
_pdbx_database_status.deposit_site                    RCSB 
_pdbx_database_status.process_site                    PDBJ 
_pdbx_database_status.status_code_sf                  REL 
_pdbx_database_status.status_code_mr                  ? 
_pdbx_database_status.SG_entry                        ? 
_pdbx_database_status.status_code_cs                  ? 
_pdbx_database_status.pdb_format_compatible           Y 
_pdbx_database_status.status_code_nmr_data            ? 
_pdbx_database_status.methods_development_category    ? 
# 
loop_
_audit_author.name 
_audit_author.pdbx_ordinal 
'Liu, Y.T.'  1 
'Wang, J.W.' 2 
'Chen, L.'   3 
'Wu, J.W.'   4 
# 
_citation.id                        primary 
_citation.title                     'Molecular basis of WNT Activation via the DIX-domain protein CCD1' 
_citation.journal_abbrev            'To be Published' 
_citation.journal_volume            ? 
_citation.page_first                ? 
_citation.page_last                 ? 
_citation.year                      ? 
_citation.journal_id_ASTM           ? 
_citation.country                   ? 
_citation.journal_id_ISSN           ? 
_citation.journal_id_CSD            0353 
_citation.book_publisher            ? 
_citation.pdbx_database_id_PubMed   ? 
_citation.pdbx_database_id_DOI      ? 
# 
loop_
_citation_author.citation_id 
_citation_author.name 
_citation_author.ordinal 
_citation_author.identifier_ORCID 
primary 'Liu, Y.T.'  1  ? 
primary 'Dan, Q.J.'  2  ? 
primary 'Wang, J.W.' 3  ? 
primary 'Feng, Y.G.' 4  ? 
primary 'Chen, L.'   5  ? 
primary 'Liang, J.'  6  ? 
primary 'Li, Q.X.'   7  ? 
primary 'Lin, S.C.'  8  ? 
primary 'Wang, Z.X.' 9  ? 
primary 'Wu, J.W.'   10 ? 
# 
loop_
_entity.id 
_entity.type 
_entity.src_method 
_entity.pdbx_description 
_entity.formula_weight 
_entity.pdbx_number_of_molecules 
_entity.pdbx_ec 
_entity.pdbx_mutation 
_entity.pdbx_fragment 
_entity.details 
1 polymer     man Dixin          10632.595 1  ? L436M 'DIX domain' ? 
2 non-polymer syn 1,2-ETHANEDIOL 62.068    1  ? ?     ?            ? 
3 water       nat water          18.015    40 ? ?     ?            ? 
# 
_entity_name_com.entity_id   1 
_entity_name_com.name        'Ccd1, Coiled-coil protein DIX1, DIX domain-containing protein 1' 
# 
_entity_poly.entity_id                      1 
_entity_poly.type                           'polypeptide(L)' 
_entity_poly.nstd_linkage                   no 
_entity_poly.nstd_monomer                   yes 
_entity_poly.pdbx_seq_one_letter_code       
;GPH(MSE)SSTCTKVLYFTDRSLTPF(MSE)VNIPKRLEEVTLKDFKAAIDREGNHRYHFKAMDPEFGTVKEEIFHDDDA
IPGWEGKIVAWVEEDHGEN
;
_entity_poly.pdbx_seq_one_letter_code_can   
;GPHMSSTCTKVLYFTDRSLTPFMVNIPKRLEEVTLKDFKAAIDREGNHRYHFKAMDPEFGTVKEEIFHDDDAIPGWEGKI
VAWVEEDHGEN
;
_entity_poly.pdbx_strand_id                 A 
_entity_poly.pdbx_target_identifier         ? 
# 
loop_
_pdbx_entity_nonpoly.entity_id 
_pdbx_entity_nonpoly.name 
_pdbx_entity_nonpoly.comp_id 
2 1,2-ETHANEDIOL EDO 
3 water          HOH 
# 
loop_
_entity_poly_seq.entity_id 
_entity_poly_seq.num 
_entity_poly_seq.mon_id 
_entity_poly_seq.hetero 
1 1  GLY n 
1 2  PRO n 
1 3  HIS n 
1 4  MSE n 
1 5  SER n 
1 6  SER n 
1 7  THR n 
1 8  CYS n 
1 9  THR n 
1 10 LYS n 
1 11 VAL n 
1 12 LEU n 
1 13 TYR n 
1 14 PHE n 
1 15 THR n 
1 16 ASP n 
1 17 ARG n 
1 18 SER n 
1 19 LEU n 
1 20 THR n 
1 21 PRO n 
1 22 PHE n 
1 23 MSE n 
1 24 VAL n 
1 25 ASN n 
1 26 ILE n 
1 27 PRO n 
1 28 LYS n 
1 29 ARG n 
1 30 LEU n 
1 31 GLU n 
1 32 GLU n 
1 33 VAL n 
1 34 THR n 
1 35 LEU n 
1 36 LYS n 
1 37 ASP n 
1 38 PHE n 
1 39 LYS n 
1 40 ALA n 
1 41 ALA n 
1 42 ILE n 
1 43 ASP n 
1 44 ARG n 
1 45 GLU n 
1 46 GLY n 
1 47 ASN n 
1 48 HIS n 
1 49 ARG n 
1 50 TYR n 
1 51 HIS n 
1 52 PHE n 
1 53 LYS n 
1 54 ALA n 
1 55 MET n 
1 56 ASP n 
1 57 PRO n 
1 58 GLU n 
1 59 PHE n 
1 60 GLY n 
1 61 THR n 
1 62 VAL n 
1 63 LYS n 
1 64 GLU n 
1 65 GLU n 
1 66 ILE n 
1 67 PHE n 
1 68 HIS n 
1 69 ASP n 
1 70 ASP n 
1 71 ASP n 
1 72 ALA n 
1 73 ILE n 
1 74 PRO n 
1 75 GLY n 
1 76 TRP n 
1 77 GLU n 
1 78 GLY n 
1 79 LYS n 
1 80 ILE n 
1 81 VAL n 
1 82 ALA n 
1 83 TRP n 
1 84 VAL n 
1 85 GLU n 
1 86 GLU n 
1 87 ASP n 
1 88 HIS n 
1 89 GLY n 
1 90 GLU n 
1 91 ASN n 
# 
_entity_src_gen.entity_id                          1 
_entity_src_gen.pdbx_src_id                        1 
_entity_src_gen.pdbx_alt_source_flag               sample 
_entity_src_gen.pdbx_seq_type                      ? 
_entity_src_gen.pdbx_beg_seq_num                   ? 
_entity_src_gen.pdbx_end_seq_num                   ? 
_entity_src_gen.gene_src_common_name               human 
_entity_src_gen.gene_src_genus                     ? 
_entity_src_gen.pdbx_gene_src_gene                 ? 
_entity_src_gen.gene_src_species                   ? 
_entity_src_gen.gene_src_strain                    ? 
_entity_src_gen.gene_src_tissue                    ? 
_entity_src_gen.gene_src_tissue_fraction           ? 
_entity_src_gen.gene_src_details                   ? 
_entity_src_gen.pdbx_gene_src_fragment             ? 
_entity_src_gen.pdbx_gene_src_scientific_name      'Homo sapiens' 
_entity_src_gen.pdbx_gene_src_ncbi_taxonomy_id     9606 
_entity_src_gen.pdbx_gene_src_variant              ? 
_entity_src_gen.pdbx_gene_src_cell_line            ? 
_entity_src_gen.pdbx_gene_src_atcc                 ? 
_entity_src_gen.pdbx_gene_src_organ                ? 
_entity_src_gen.pdbx_gene_src_organelle            ? 
_entity_src_gen.pdbx_gene_src_cell                 ? 
_entity_src_gen.pdbx_gene_src_cellular_location    ? 
_entity_src_gen.host_org_common_name               ? 
_entity_src_gen.pdbx_host_org_scientific_name      'Escherichia coli' 
_entity_src_gen.pdbx_host_org_ncbi_taxonomy_id     562 
_entity_src_gen.host_org_genus                     ? 
_entity_src_gen.pdbx_host_org_gene                 ? 
_entity_src_gen.pdbx_host_org_organ                ? 
_entity_src_gen.host_org_species                   ? 
_entity_src_gen.pdbx_host_org_tissue               ? 
_entity_src_gen.pdbx_host_org_tissue_fraction      ? 
_entity_src_gen.pdbx_host_org_strain               'BL21(DE3)' 
_entity_src_gen.pdbx_host_org_variant              ? 
_entity_src_gen.pdbx_host_org_cell_line            ? 
_entity_src_gen.pdbx_host_org_atcc                 ? 
_entity_src_gen.pdbx_host_org_culture_collection   ? 
_entity_src_gen.pdbx_host_org_cell                 ? 
_entity_src_gen.pdbx_host_org_organelle            ? 
_entity_src_gen.pdbx_host_org_cellular_location    ? 
_entity_src_gen.pdbx_host_org_vector_type          PLASMID 
_entity_src_gen.pdbx_host_org_vector               ? 
_entity_src_gen.host_org_details                   ? 
_entity_src_gen.expression_system_id               ? 
_entity_src_gen.plasmid_name                       pGEX 
_entity_src_gen.plasmid_details                    ? 
_entity_src_gen.pdbx_description                   ? 
# 
loop_
_chem_comp.id 
_chem_comp.type 
_chem_comp.mon_nstd_flag 
_chem_comp.name 
_chem_comp.pdbx_synonyms 
_chem_comp.formula 
_chem_comp.formula_weight 
ALA 'L-peptide linking' y ALANINE          ?                 'C3 H7 N O2'     89.093  
ARG 'L-peptide linking' y ARGININE         ?                 'C6 H15 N4 O2 1' 175.209 
ASN 'L-peptide linking' y ASPARAGINE       ?                 'C4 H8 N2 O3'    132.118 
ASP 'L-peptide linking' y 'ASPARTIC ACID'  ?                 'C4 H7 N O4'     133.103 
CYS 'L-peptide linking' y CYSTEINE         ?                 'C3 H7 N O2 S'   121.158 
EDO non-polymer         . 1,2-ETHANEDIOL   'ETHYLENE GLYCOL' 'C2 H6 O2'       62.068  
GLU 'L-peptide linking' y 'GLUTAMIC ACID'  ?                 'C5 H9 N O4'     147.129 
GLY 'peptide linking'   y GLYCINE          ?                 'C2 H5 N O2'     75.067  
HIS 'L-peptide linking' y HISTIDINE        ?                 'C6 H10 N3 O2 1' 156.162 
HOH non-polymer         . WATER            ?                 'H2 O'           18.015  
ILE 'L-peptide linking' y ISOLEUCINE       ?                 'C6 H13 N O2'    131.173 
LEU 'L-peptide linking' y LEUCINE          ?                 'C6 H13 N O2'    131.173 
LYS 'L-peptide linking' y LYSINE           ?                 'C6 H15 N2 O2 1' 147.195 
MET 'L-peptide linking' y METHIONINE       ?                 'C5 H11 N O2 S'  149.211 
MSE 'L-peptide linking' n SELENOMETHIONINE ?                 'C5 H11 N O2 Se' 196.106 
PHE 'L-peptide linking' y PHENYLALANINE    ?                 'C9 H11 N O2'    165.189 
PRO 'L-peptide linking' y PROLINE          ?                 'C5 H9 N O2'     115.130 
SER 'L-peptide linking' y SERINE           ?                 'C3 H7 N O3'     105.093 
THR 'L-peptide linking' y THREONINE        ?                 'C4 H9 N O3'     119.119 
TRP 'L-peptide linking' y TRYPTOPHAN       ?                 'C11 H12 N2 O2'  204.225 
TYR 'L-peptide linking' y TYROSINE         ?                 'C9 H11 N O3'    181.189 
VAL 'L-peptide linking' y VALINE           ?                 'C5 H11 N O2'    117.146 
# 
loop_
_pdbx_poly_seq_scheme.asym_id 
_pdbx_poly_seq_scheme.entity_id 
_pdbx_poly_seq_scheme.seq_id 
_pdbx_poly_seq_scheme.mon_id 
_pdbx_poly_seq_scheme.ndb_seq_num 
_pdbx_poly_seq_scheme.pdb_seq_num 
_pdbx_poly_seq_scheme.auth_seq_num 
_pdbx_poly_seq_scheme.pdb_mon_id 
_pdbx_poly_seq_scheme.auth_mon_id 
_pdbx_poly_seq_scheme.pdb_strand_id 
_pdbx_poly_seq_scheme.pdb_ins_code 
_pdbx_poly_seq_scheme.hetero 
A 1 1  GLY 1  -3  ?   ?   ?   A . n 
A 1 2  PRO 2  -2  -2  PRO PRO A . n 
A 1 3  HIS 3  -1  -1  HIS HIS A . n 
A 1 4  MSE 4  0   0   MSE MSE A . n 
A 1 5  SER 5  386 386 SER SER A . n 
A 1 6  SER 6  387 387 SER SER A . n 
A 1 7  THR 7  388 388 THR THR A . n 
A 1 8  CYS 8  389 389 CYS CYS A . n 
A 1 9  THR 9  390 390 THR THR A . n 
A 1 10 LYS 10 391 391 LYS LYS A . n 
A 1 11 VAL 11 392 392 VAL VAL A . n 
A 1 12 LEU 12 393 393 LEU LEU A . n 
A 1 13 TYR 13 394 394 TYR TYR A . n 
A 1 14 PHE 14 395 395 PHE PHE A . n 
A 1 15 THR 15 396 396 THR THR A . n 
A 1 16 ASP 16 397 397 ASP ASP A . n 
A 1 17 ARG 17 398 398 ARG ARG A . n 
A 1 18 SER 18 399 399 SER SER A . n 
A 1 19 LEU 19 400 400 LEU LEU A . n 
A 1 20 THR 20 401 401 THR THR A . n 
A 1 21 PRO 21 402 402 PRO PRO A . n 
A 1 22 PHE 22 403 403 PHE PHE A . n 
A 1 23 MSE 23 404 404 MSE MSE A . n 
A 1 24 VAL 24 405 405 VAL VAL A . n 
A 1 25 ASN 25 406 406 ASN ASN A . n 
A 1 26 ILE 26 407 407 ILE ILE A . n 
A 1 27 PRO 27 408 408 PRO PRO A . n 
A 1 28 LYS 28 409 409 LYS LYS A . n 
A 1 29 ARG 29 410 410 ARG ARG A . n 
A 1 30 LEU 30 411 411 LEU LEU A . n 
A 1 31 GLU 31 412 412 GLU GLU A . n 
A 1 32 GLU 32 413 413 GLU GLU A . n 
A 1 33 VAL 33 414 414 VAL VAL A . n 
A 1 34 THR 34 415 415 THR THR A . n 
A 1 35 LEU 35 416 416 LEU LEU A . n 
A 1 36 LYS 36 417 417 LYS LYS A . n 
A 1 37 ASP 37 418 418 ASP ASP A . n 
A 1 38 PHE 38 419 419 PHE PHE A . n 
A 1 39 LYS 39 420 420 LYS LYS A . n 
A 1 40 ALA 40 421 421 ALA ALA A . n 
A 1 41 ALA 41 422 422 ALA ALA A . n 
A 1 42 ILE 42 423 423 ILE ILE A . n 
A 1 43 ASP 43 424 424 ASP ASP A . n 
A 1 44 ARG 44 425 425 ARG ARG A . n 
A 1 45 GLU 45 426 426 GLU GLU A . n 
A 1 46 GLY 46 427 427 GLY GLY A . n 
A 1 47 ASN 47 428 428 ASN ASN A . n 
A 1 48 HIS 48 429 429 HIS HIS A . n 
A 1 49 ARG 49 430 430 ARG ARG A . n 
A 1 50 TYR 50 431 431 TYR TYR A . n 
A 1 51 HIS 51 432 432 HIS HIS A . n 
A 1 52 PHE 52 433 433 PHE PHE A . n 
A 1 53 LYS 53 434 434 LYS LYS A . n 
A 1 54 ALA 54 435 435 ALA ALA A . n 
A 1 55 MET 55 436 436 MET MET A . n 
A 1 56 ASP 56 437 437 ASP ASP A . n 
A 1 57 PRO 57 438 438 PRO PRO A . n 
A 1 58 GLU 58 439 439 GLU GLU A . n 
A 1 59 PHE 59 440 440 PHE PHE A . n 
A 1 60 GLY 60 441 441 GLY GLY A . n 
A 1 61 THR 61 442 442 THR THR A . n 
A 1 62 VAL 62 443 443 VAL VAL A . n 
A 1 63 LYS 63 444 444 LYS LYS A . n 
A 1 64 GLU 64 445 445 GLU GLU A . n 
A 1 65 GLU 65 446 446 GLU GLU A . n 
A 1 66 ILE 66 447 447 ILE ILE A . n 
A 1 67 PHE 67 448 448 PHE PHE A . n 
A 1 68 HIS 68 449 449 HIS HIS A . n 
A 1 69 ASP 69 450 450 ASP ASP A . n 
A 1 70 ASP 70 451 451 ASP ASP A . n 
A 1 71 ASP 71 452 452 ASP ASP A . n 
A 1 72 ALA 72 453 453 ALA ALA A . n 
A 1 73 ILE 73 454 454 ILE ILE A . n 
A 1 74 PRO 74 455 455 PRO PRO A . n 
A 1 75 GLY 75 456 456 GLY GLY A . n 
A 1 76 TRP 76 457 457 TRP TRP A . n 
A 1 77 GLU 77 458 458 GLU GLU A . n 
A 1 78 GLY 78 459 459 GLY GLY A . n 
A 1 79 LYS 79 460 460 LYS LYS A . n 
A 1 80 ILE 80 461 461 ILE ILE A . n 
A 1 81 VAL 81 462 462 VAL VAL A . n 
A 1 82 ALA 82 463 463 ALA ALA A . n 
A 1 83 TRP 83 464 464 TRP TRP A . n 
A 1 84 VAL 84 465 465 VAL VAL A . n 
A 1 85 GLU 85 466 466 GLU GLU A . n 
A 1 86 GLU 86 467 467 GLU GLU A . n 
A 1 87 ASP 87 468 468 ASP ASP A . n 
A 1 88 HIS 88 469 ?   ?   ?   A . n 
A 1 89 GLY 89 470 ?   ?   ?   A . n 
A 1 90 GLU 90 471 ?   ?   ?   A . n 
A 1 91 ASN 91 472 ?   ?   ?   A . n 
# 
loop_
_pdbx_nonpoly_scheme.asym_id 
_pdbx_nonpoly_scheme.entity_id 
_pdbx_nonpoly_scheme.mon_id 
_pdbx_nonpoly_scheme.ndb_seq_num 
_pdbx_nonpoly_scheme.pdb_seq_num 
_pdbx_nonpoly_scheme.auth_seq_num 
_pdbx_nonpoly_scheme.pdb_mon_id 
_pdbx_nonpoly_scheme.auth_mon_id 
_pdbx_nonpoly_scheme.pdb_strand_id 
_pdbx_nonpoly_scheme.pdb_ins_code 
B 2 EDO 1  3318 3318 EDO EDO A . 
C 3 HOH 1  1    1    HOH HOH A . 
C 3 HOH 2  2    2    HOH HOH A . 
C 3 HOH 3  3    3    HOH HOH A . 
C 3 HOH 4  4    4    HOH HOH A . 
C 3 HOH 5  5    5    HOH HOH A . 
C 3 HOH 6  6    6    HOH HOH A . 
C 3 HOH 7  7    7    HOH HOH A . 
C 3 HOH 8  8    8    HOH HOH A . 
C 3 HOH 9  9    9    HOH HOH A . 
C 3 HOH 10 10   10   HOH HOH A . 
C 3 HOH 11 11   11   HOH HOH A . 
C 3 HOH 12 12   12   HOH HOH A . 
C 3 HOH 13 13   13   HOH HOH A . 
C 3 HOH 14 14   14   HOH HOH A . 
C 3 HOH 15 15   15   HOH HOH A . 
C 3 HOH 16 16   16   HOH HOH A . 
C 3 HOH 17 17   17   HOH HOH A . 
C 3 HOH 18 18   18   HOH HOH A . 
C 3 HOH 19 19   19   HOH HOH A . 
C 3 HOH 20 20   20   HOH HOH A . 
C 3 HOH 21 21   21   HOH HOH A . 
C 3 HOH 22 22   22   HOH HOH A . 
C 3 HOH 23 23   23   HOH HOH A . 
C 3 HOH 24 24   24   HOH HOH A . 
C 3 HOH 25 25   25   HOH HOH A . 
C 3 HOH 26 26   26   HOH HOH A . 
C 3 HOH 27 27   27   HOH HOH A . 
C 3 HOH 28 28   28   HOH HOH A . 
C 3 HOH 29 29   29   HOH HOH A . 
C 3 HOH 30 30   30   HOH HOH A . 
C 3 HOH 31 31   31   HOH HOH A . 
C 3 HOH 32 32   32   HOH HOH A . 
C 3 HOH 33 33   33   HOH HOH A . 
C 3 HOH 34 34   34   HOH HOH A . 
C 3 HOH 35 35   35   HOH HOH A . 
C 3 HOH 36 36   36   HOH HOH A . 
C 3 HOH 37 37   37   HOH HOH A . 
C 3 HOH 38 38   38   HOH HOH A . 
C 3 HOH 39 39   39   HOH HOH A . 
C 3 HOH 40 40   40   HOH HOH A . 
# 
loop_
_software.name 
_software.classification 
_software.version 
_software.citation_id 
_software.pdbx_ordinal 
HKL-2000 'data collection' .                 ? 1 
SOLVE    phasing           .                 ? 2 
PHENIX   refinement        '(phenix.refine)' ? 3 
HKL-2000 'data reduction'  .                 ? 4 
HKL-2000 'data scaling'    .                 ? 5 
# 
_cell.entry_id           3PZ7 
_cell.length_a           62.576 
_cell.length_b           62.576 
_cell.length_c           77.722 
_cell.angle_alpha        90.00 
_cell.angle_beta         90.00 
_cell.angle_gamma        120.00 
_cell.Z_PDB              12 
_cell.pdbx_unique_axis   ? 
_cell.length_a_esd       ? 
_cell.length_b_esd       ? 
_cell.length_c_esd       ? 
_cell.angle_alpha_esd    ? 
_cell.angle_beta_esd     ? 
_cell.angle_gamma_esd    ? 
# 
_symmetry.entry_id                         3PZ7 
_symmetry.space_group_name_H-M             'P 61 2 2' 
_symmetry.pdbx_full_space_group_name_H-M   ? 
_symmetry.cell_setting                     ? 
_symmetry.Int_Tables_number                178 
_symmetry.space_group_name_Hall            ? 
# 
_exptl.entry_id          3PZ7 
_exptl.method            'X-RAY DIFFRACTION' 
_exptl.crystals_number   1 
# 
_exptl_crystal.id                    1 
_exptl_crystal.density_meas          ? 
_exptl_crystal.density_Matthews      2.07 
_exptl_crystal.density_percent_sol   40.46 
_exptl_crystal.description           ? 
_exptl_crystal.F_000                 ? 
_exptl_crystal.preparation           ? 
# 
_exptl_crystal_grow.crystal_id      1 
_exptl_crystal_grow.method          'VAPOR DIFFUSION, HANGING DROP' 
_exptl_crystal_grow.temp            278.0 
_exptl_crystal_grow.temp_details    ? 
_exptl_crystal_grow.pH              6.5 
_exptl_crystal_grow.pdbx_details    
;0.1M Sodium Cacodylate, 20% PEG 3350, 4% Ethylene Glycol, 0.2M Ammonium Acetate, pH 6.5, VAPOR DIFFUSION, HANGING DROP, temperature 278.0K
;
_exptl_crystal_grow.pdbx_pH_range   . 
# 
_diffrn.id                     1 
_diffrn.ambient_temp           100.0 
_diffrn.ambient_temp_details   ? 
_diffrn.crystal_id             1 
# 
_diffrn_detector.diffrn_id              1 
_diffrn_detector.detector               CCD 
_diffrn_detector.type                   ? 
_diffrn_detector.pdbx_collection_date   2007-12-01 
_diffrn_detector.details                ? 
# 
_diffrn_radiation.diffrn_id                        1 
_diffrn_radiation.wavelength_id                    1 
_diffrn_radiation.pdbx_monochromatic_or_laue_m_l   M 
_diffrn_radiation.monochromator                    ? 
_diffrn_radiation.pdbx_diffrn_protocol             'SINGLE WAVELENGTH' 
_diffrn_radiation.pdbx_scattering_type             x-ray 
# 
_diffrn_radiation_wavelength.id           1 
_diffrn_radiation_wavelength.wavelength   . 
_diffrn_radiation_wavelength.wt           1.0 
# 
_diffrn_source.diffrn_id                   1 
_diffrn_source.source                      SYNCHROTRON 
_diffrn_source.type                        'SPRING-8 BEAMLINE BL24XU' 
_diffrn_source.pdbx_synchrotron_site       SPring-8 
_diffrn_source.pdbx_synchrotron_beamline   BL24XU 
_diffrn_source.pdbx_wavelength             ? 
_diffrn_source.pdbx_wavelength_list        ? 
# 
_reflns.entry_id                     3PZ7 
_reflns.observed_criterion_sigma_I   0 
_reflns.observed_criterion_sigma_F   0 
_reflns.d_resolution_low             31.581 
_reflns.d_resolution_high            2.44 
_reflns.number_obs                   3659 
_reflns.number_all                   3680 
_reflns.percent_possible_obs         99.9 
_reflns.pdbx_Rmerge_I_obs            0.11 
_reflns.pdbx_Rsym_value              ? 
_reflns.pdbx_netI_over_sigmaI        18.6 
_reflns.B_iso_Wilson_estimate        42.6 
_reflns.pdbx_redundancy              5.8 
_reflns.R_free_details               ? 
_reflns.limit_h_max                  ? 
_reflns.limit_h_min                  ? 
_reflns.limit_k_max                  ? 
_reflns.limit_k_min                  ? 
_reflns.limit_l_max                  ? 
_reflns.limit_l_min                  ? 
_reflns.observed_criterion_F_max     ? 
_reflns.observed_criterion_F_min     ? 
_reflns.pdbx_chi_squared             ? 
_reflns.pdbx_scaling_rejects         ? 
_reflns.pdbx_diffrn_id               1 
_reflns.pdbx_ordinal                 1 
# 
_reflns_shell.d_res_high                  2.44 
_reflns_shell.d_res_low                   2.53 
_reflns_shell.percent_possible_all        100 
_reflns_shell.Rmerge_I_obs                0.608 
_reflns_shell.pdbx_Rsym_value             ? 
_reflns_shell.meanI_over_sigI_obs         2.6 
_reflns_shell.pdbx_redundancy             5.4 
_reflns_shell.percent_possible_obs        ? 
_reflns_shell.number_unique_all           346 
_reflns_shell.number_measured_all         ? 
_reflns_shell.number_measured_obs         ? 
_reflns_shell.number_unique_obs           ? 
_reflns_shell.pdbx_chi_squared            ? 
_reflns_shell.pdbx_rejects                ? 
_reflns_shell.pdbx_netI_over_sigmaI_obs   ? 
_reflns_shell.number_possible             ? 
_reflns_shell.Rmerge_F_all                ? 
_reflns_shell.Rmerge_F_obs                ? 
_reflns_shell.Rmerge_I_all                ? 
_reflns_shell.meanI_over_sigI_all         ? 
_reflns_shell.pdbx_Rrim_I_all             ? 
_reflns_shell.pdbx_Rpim_I_all             ? 
_reflns_shell.pdbx_diffrn_id              ? 
_reflns_shell.pdbx_ordinal                1 
# 
_refine.entry_id                                 3PZ7 
_refine.ls_number_reflns_obs                     3659 
_refine.ls_number_reflns_all                     3680 
_refine.pdbx_ls_sigma_I                          ? 
_refine.pdbx_ls_sigma_F                          1.91 
_refine.pdbx_data_cutoff_high_absF               ? 
_refine.pdbx_data_cutoff_low_absF                ? 
_refine.pdbx_data_cutoff_high_rms_absF           ? 
_refine.ls_d_res_low                             31.581 
_refine.ls_d_res_high                            2.441 
_refine.ls_percent_reflns_obs                    99.7 
_refine.ls_R_factor_obs                          0.2351 
_refine.ls_R_factor_all                          0.26 
_refine.ls_R_factor_R_work                       0.2334 
_refine.ls_R_factor_R_free                       0.2751 
_refine.ls_R_factor_R_free_error                 ? 
_refine.ls_R_factor_R_free_error_details         ? 
_refine.ls_percent_reflns_R_free                 4.29 
_refine.ls_number_reflns_R_free                  157 
_refine.ls_number_parameters                     ? 
_refine.ls_number_restraints                     ? 
_refine.correlation_coeff_Fo_to_Fc               ? 
_refine.correlation_coeff_Fo_to_Fc_free          ? 
_refine.B_iso_mean                               39.3058 
_refine.aniso_B[1][1]                            2.4135 
_refine.aniso_B[2][2]                            2.4135 
_refine.aniso_B[3][3]                            -4.8270 
_refine.aniso_B[1][2]                            -0.0000 
_refine.aniso_B[1][3]                            -0.0000 
_refine.aniso_B[2][3]                            0.0000 
_refine.solvent_model_details                    'FLAT BULK SOLVENT MODEL' 
_refine.solvent_model_param_ksol                 0.365 
_refine.solvent_model_param_bsol                 58.089 
_refine.pdbx_solvent_vdw_probe_radii             1.11 
_refine.pdbx_solvent_ion_probe_radii             ? 
_refine.pdbx_solvent_shrinkage_radii             0.90 
_refine.pdbx_ls_cross_valid_method               ? 
_refine.details                                  ? 
_refine.pdbx_starting_model                      ? 
_refine.pdbx_method_to_determine_struct          SAD 
_refine.pdbx_isotropic_thermal_model             ? 
_refine.pdbx_stereochemistry_target_values       ML 
_refine.pdbx_stereochem_target_val_spec_case     ? 
_refine.pdbx_R_Free_selection_details            RANDOM 
_refine.pdbx_overall_ESU_R_Free                  ? 
_refine.overall_SU_ML                            0.34 
_refine.overall_SU_B                             ? 
_refine.overall_SU_R_Cruickshank_DPI             ? 
_refine.ls_redundancy_reflns_obs                 ? 
_refine.overall_FOM_work_R_set                   0.7468 
_refine.B_iso_max                                81.870 
_refine.B_iso_min                                24.450 
_refine.pdbx_overall_phase_error                 28.8700 
_refine.occupancy_max                            1.000 
_refine.occupancy_min                            1.000 
_refine.pdbx_refine_id                           'X-RAY DIFFRACTION' 
_refine.overall_SU_R_free                        ? 
_refine.ls_wR_factor_R_free                      ? 
_refine.ls_wR_factor_R_work                      ? 
_refine.overall_FOM_free_R_set                   ? 
_refine.pdbx_overall_ESU_R                       ? 
_refine.pdbx_diffrn_id                           1 
_refine.pdbx_TLS_residual_ADP_flag               ? 
_refine.pdbx_overall_SU_R_free_Cruickshank_DPI   ? 
_refine.pdbx_overall_SU_R_Blow_DPI               ? 
_refine.pdbx_overall_SU_R_free_Blow_DPI          ? 
# 
_refine_hist.pdbx_refine_id                   'X-RAY DIFFRACTION' 
_refine_hist.cycle_id                         LAST 
_refine_hist.pdbx_number_atoms_protein        706 
_refine_hist.pdbx_number_atoms_nucleic_acid   0 
_refine_hist.pdbx_number_atoms_ligand         4 
_refine_hist.number_atoms_solvent             40 
_refine_hist.number_atoms_total               750 
_refine_hist.d_res_high                       2.441 
_refine_hist.d_res_low                        31.581 
# 
loop_
_refine_ls_restr.pdbx_refine_id 
_refine_ls_restr.type 
_refine_ls_restr.number 
_refine_ls_restr.dev_ideal 
_refine_ls_restr.dev_ideal_target 
_refine_ls_restr.weight 
_refine_ls_restr.pdbx_restraint_function 
'X-RAY DIFFRACTION' f_bond_d           730 0.012  ? ? ? 
'X-RAY DIFFRACTION' f_angle_d          985 1.481  ? ? ? 
'X-RAY DIFFRACTION' f_chiral_restr     103 0.097  ? ? ? 
'X-RAY DIFFRACTION' f_plane_restr      127 0.007  ? ? ? 
'X-RAY DIFFRACTION' f_dihedral_angle_d 268 22.656 ? ? ? 
# 
_refine_ls_shell.pdbx_refine_id                   'X-RAY DIFFRACTION' 
_refine_ls_shell.pdbx_total_number_of_bins_used   ? 
_refine_ls_shell.d_res_high                       2.4410 
_refine_ls_shell.d_res_low                        2.53 
_refine_ls_shell.number_reflns_R_work             3502 
_refine_ls_shell.R_factor_R_work                  0.2334 
_refine_ls_shell.percent_reflns_obs               100.00 
_refine_ls_shell.R_factor_R_free                  0.2751 
_refine_ls_shell.R_factor_R_free_error            ? 
_refine_ls_shell.percent_reflns_R_free            ? 
_refine_ls_shell.number_reflns_R_free             157 
_refine_ls_shell.number_reflns_all                ? 
_refine_ls_shell.R_factor_all                     ? 
_refine_ls_shell.number_reflns_obs                346 
_refine_ls_shell.redundancy_reflns_obs            ? 
# 
_struct.entry_id                  3PZ7 
_struct.title                     'Crystal structure of Ccd1-DIX domain' 
_struct.pdbx_model_details        ? 
_struct.pdbx_CASP_flag            N 
_struct.pdbx_model_type_details   ? 
# 
_struct_keywords.entry_id        3PZ7 
_struct_keywords.pdbx_keywords   'SIGNALING PROTEIN' 
_struct_keywords.text            'DIX domain, oligomerization, SIGNALING PROTEIN' 
# 
loop_
_struct_asym.id 
_struct_asym.pdbx_blank_PDB_chainid_flag 
_struct_asym.pdbx_modified 
_struct_asym.entity_id 
_struct_asym.details 
A N N 1 ? 
B N N 2 ? 
C N N 3 ? 
# 
_struct_ref.id                         1 
_struct_ref.db_name                    UNP 
_struct_ref.db_code                    DIXC1_HUMAN 
_struct_ref.pdbx_db_accession          Q155Q3 
_struct_ref.entity_id                  1 
_struct_ref.pdbx_seq_one_letter_code   
;SSTCTKVLYFTDRSLTPFMVNIPKRLEEVTLKDFKAAIDREGNHRYHFKALDPEFGTVKEEIFHDDDAIPGWEGKIVAWV
EEDHGEN
;
_struct_ref.pdbx_align_begin           386 
_struct_ref.pdbx_db_isoform            ? 
# 
_struct_ref_seq.align_id                      1 
_struct_ref_seq.ref_id                        1 
_struct_ref_seq.pdbx_PDB_id_code              3PZ7 
_struct_ref_seq.pdbx_strand_id                A 
_struct_ref_seq.seq_align_beg                 5 
_struct_ref_seq.pdbx_seq_align_beg_ins_code   ? 
_struct_ref_seq.seq_align_end                 91 
_struct_ref_seq.pdbx_seq_align_end_ins_code   ? 
_struct_ref_seq.pdbx_db_accession             Q155Q3 
_struct_ref_seq.db_align_beg                  386 
_struct_ref_seq.pdbx_db_align_beg_ins_code    ? 
_struct_ref_seq.db_align_end                  472 
_struct_ref_seq.pdbx_db_align_end_ins_code    ? 
_struct_ref_seq.pdbx_auth_seq_align_beg       386 
_struct_ref_seq.pdbx_auth_seq_align_end       472 
# 
loop_
_struct_ref_seq_dif.align_id 
_struct_ref_seq_dif.pdbx_pdb_id_code 
_struct_ref_seq_dif.mon_id 
_struct_ref_seq_dif.pdbx_pdb_strand_id 
_struct_ref_seq_dif.seq_num 
_struct_ref_seq_dif.pdbx_pdb_ins_code 
_struct_ref_seq_dif.pdbx_seq_db_name 
_struct_ref_seq_dif.pdbx_seq_db_accession_code 
_struct_ref_seq_dif.db_mon_id 
_struct_ref_seq_dif.pdbx_seq_db_seq_num 
_struct_ref_seq_dif.details 
_struct_ref_seq_dif.pdbx_auth_seq_num 
_struct_ref_seq_dif.pdbx_ordinal 
1 3PZ7 GLY A 1  ? UNP Q155Q3 ?   ?   'expression tag'      -3  1 
1 3PZ7 PRO A 2  ? UNP Q155Q3 ?   ?   'expression tag'      -2  2 
1 3PZ7 HIS A 3  ? UNP Q155Q3 ?   ?   'expression tag'      -1  3 
1 3PZ7 MSE A 4  ? UNP Q155Q3 ?   ?   'expression tag'      0   4 
1 3PZ7 MET A 55 ? UNP Q155Q3 LEU 436 'engineered mutation' 436 5 
# 
_pdbx_struct_assembly.id                   1 
_pdbx_struct_assembly.details              author_and_software_defined_assembly 
_pdbx_struct_assembly.method_details       PISA 
_pdbx_struct_assembly.oligomeric_details   monomeric 
_pdbx_struct_assembly.oligomeric_count     1 
# 
_pdbx_struct_assembly_gen.assembly_id       1 
_pdbx_struct_assembly_gen.oper_expression   1 
_pdbx_struct_assembly_gen.asym_id_list      A,B,C 
# 
_pdbx_struct_oper_list.id                   1 
_pdbx_struct_oper_list.type                 'identity operation' 
_pdbx_struct_oper_list.name                 1_555 
_pdbx_struct_oper_list.symmetry_operation   x,y,z 
_pdbx_struct_oper_list.matrix[1][1]         1.0000000000 
_pdbx_struct_oper_list.matrix[1][2]         0.0000000000 
_pdbx_struct_oper_list.matrix[1][3]         0.0000000000 
_pdbx_struct_oper_list.vector[1]            0.0000000000 
_pdbx_struct_oper_list.matrix[2][1]         0.0000000000 
_pdbx_struct_oper_list.matrix[2][2]         1.0000000000 
_pdbx_struct_oper_list.matrix[2][3]         0.0000000000 
_pdbx_struct_oper_list.vector[2]            0.0000000000 
_pdbx_struct_oper_list.matrix[3][1]         0.0000000000 
_pdbx_struct_oper_list.matrix[3][2]         0.0000000000 
_pdbx_struct_oper_list.matrix[3][3]         1.0000000000 
_pdbx_struct_oper_list.vector[3]            0.0000000000 
# 
_struct_biol.id        1 
_struct_biol.details   ? 
# 
_struct_conf.conf_type_id            HELX_P 
_struct_conf.id                      HELX_P1 
_struct_conf.pdbx_PDB_helix_id       1 
_struct_conf.beg_label_comp_id       THR 
_struct_conf.beg_label_asym_id       A 
_struct_conf.beg_label_seq_id        34 
_struct_conf.pdbx_beg_PDB_ins_code   ? 
_struct_conf.end_label_comp_id       ASP 
_struct_conf.end_label_asym_id       A 
_struct_conf.end_label_seq_id        43 
_struct_conf.pdbx_end_PDB_ins_code   ? 
_struct_conf.beg_auth_comp_id        THR 
_struct_conf.beg_auth_asym_id        A 
_struct_conf.beg_auth_seq_id         415 
_struct_conf.end_auth_comp_id        ASP 
_struct_conf.end_auth_asym_id        A 
_struct_conf.end_auth_seq_id         424 
_struct_conf.pdbx_PDB_helix_class    1 
_struct_conf.details                 ? 
_struct_conf.pdbx_PDB_helix_length   10 
# 
_struct_conf_type.id          HELX_P 
_struct_conf_type.criteria    ? 
_struct_conf_type.reference   ? 
# 
loop_
_struct_conn.id 
_struct_conn.conn_type_id 
_struct_conn.pdbx_leaving_atom_flag 
_struct_conn.pdbx_PDB_id 
_struct_conn.ptnr1_label_asym_id 
_struct_conn.ptnr1_label_comp_id 
_struct_conn.ptnr1_label_seq_id 
_struct_conn.ptnr1_label_atom_id 
_struct_conn.pdbx_ptnr1_label_alt_id 
_struct_conn.pdbx_ptnr1_PDB_ins_code 
_struct_conn.pdbx_ptnr1_standard_comp_id 
_struct_conn.ptnr1_symmetry 
_struct_conn.ptnr2_label_asym_id 
_struct_conn.ptnr2_label_comp_id 
_struct_conn.ptnr2_label_seq_id 
_struct_conn.ptnr2_label_atom_id 
_struct_conn.pdbx_ptnr2_label_alt_id 
_struct_conn.pdbx_ptnr2_PDB_ins_code 
_struct_conn.ptnr1_auth_asym_id 
_struct_conn.ptnr1_auth_comp_id 
_struct_conn.ptnr1_auth_seq_id 
_struct_conn.ptnr2_auth_asym_id 
_struct_conn.ptnr2_auth_comp_id 
_struct_conn.ptnr2_auth_seq_id 
_struct_conn.ptnr2_symmetry 
_struct_conn.pdbx_ptnr3_label_atom_id 
_struct_conn.pdbx_ptnr3_label_seq_id 
_struct_conn.pdbx_ptnr3_label_comp_id 
_struct_conn.pdbx_ptnr3_label_asym_id 
_struct_conn.pdbx_ptnr3_label_alt_id 
_struct_conn.pdbx_ptnr3_PDB_ins_code 
_struct_conn.details 
_struct_conn.pdbx_dist_value 
_struct_conn.pdbx_value_order 
_struct_conn.pdbx_role 
covale1 covale both ? A HIS 3  C ? ? ? 1_555 A MSE 4  N ? ? A HIS -1  A MSE 0   1_555 ? ? ? ? ? ? ? 1.313 ? ? 
covale2 covale both ? A MSE 4  C ? ? ? 1_555 A SER 5  N ? ? A MSE 0   A SER 386 1_555 ? ? ? ? ? ? ? 1.322 ? ? 
covale3 covale both ? A PHE 22 C ? ? ? 1_555 A MSE 23 N ? ? A PHE 403 A MSE 404 1_555 ? ? ? ? ? ? ? 1.315 ? ? 
covale4 covale both ? A MSE 23 C ? ? ? 1_555 A VAL 24 N ? ? A MSE 404 A VAL 405 1_555 ? ? ? ? ? ? ? 1.323 ? ? 
# 
_struct_conn_type.id          covale 
_struct_conn_type.criteria    ? 
_struct_conn_type.reference   ? 
# 
loop_
_pdbx_modification_feature.ordinal 
_pdbx_modification_feature.label_comp_id 
_pdbx_modification_feature.label_asym_id 
_pdbx_modification_feature.label_seq_id 
_pdbx_modification_feature.label_alt_id 
_pdbx_modification_feature.modified_residue_label_comp_id 
_pdbx_modification_feature.modified_residue_label_asym_id 
_pdbx_modification_feature.modified_residue_label_seq_id 
_pdbx_modification_feature.modified_residue_label_alt_id 
_pdbx_modification_feature.auth_comp_id 
_pdbx_modification_feature.auth_asym_id 
_pdbx_modification_feature.auth_seq_id 
_pdbx_modification_feature.PDB_ins_code 
_pdbx_modification_feature.symmetry 
_pdbx_modification_feature.modified_residue_auth_comp_id 
_pdbx_modification_feature.modified_residue_auth_asym_id 
_pdbx_modification_feature.modified_residue_auth_seq_id 
_pdbx_modification_feature.modified_residue_PDB_ins_code 
_pdbx_modification_feature.modified_residue_symmetry 
_pdbx_modification_feature.comp_id_linking_atom 
_pdbx_modification_feature.modified_residue_id_linking_atom 
_pdbx_modification_feature.modified_residue_id 
_pdbx_modification_feature.ref_pcm_id 
_pdbx_modification_feature.ref_comp_id 
_pdbx_modification_feature.type 
_pdbx_modification_feature.category 
1 MSE A 4  ? . . . . MSE A 0   ? 1_555 . . . . . . . MET 1 MSE Selenomethionine 'Named protein modification' 
2 MSE A 23 ? . . . . MSE A 404 ? 1_555 . . . . . . . MET 1 MSE Selenomethionine 'Named protein modification' 
# 
_struct_sheet.id               A 
_struct_sheet.type             ? 
_struct_sheet.number_strands   5 
_struct_sheet.details          ? 
# 
loop_
_struct_sheet_order.sheet_id 
_struct_sheet_order.range_id_1 
_struct_sheet_order.range_id_2 
_struct_sheet_order.offset 
_struct_sheet_order.sense 
A 1 2 ? anti-parallel 
A 2 3 ? parallel      
A 3 4 ? anti-parallel 
A 4 5 ? anti-parallel 
# 
loop_
_struct_sheet_range.sheet_id 
_struct_sheet_range.id 
_struct_sheet_range.beg_label_comp_id 
_struct_sheet_range.beg_label_asym_id 
_struct_sheet_range.beg_label_seq_id 
_struct_sheet_range.pdbx_beg_PDB_ins_code 
_struct_sheet_range.end_label_comp_id 
_struct_sheet_range.end_label_asym_id 
_struct_sheet_range.end_label_seq_id 
_struct_sheet_range.pdbx_end_PDB_ins_code 
_struct_sheet_range.beg_auth_comp_id 
_struct_sheet_range.beg_auth_asym_id 
_struct_sheet_range.beg_auth_seq_id 
_struct_sheet_range.end_auth_comp_id 
_struct_sheet_range.end_auth_asym_id 
_struct_sheet_range.end_auth_seq_id 
A 1 PHE A 22 ? ILE A 26 ? PHE A 403 ILE A 407 
A 2 THR A 9  ? PHE A 14 ? THR A 390 PHE A 395 
A 3 LYS A 79 ? GLU A 86 ? LYS A 460 GLU A 467 
A 4 HIS A 48 ? ASP A 56 ? HIS A 429 ASP A 437 
A 5 GLY A 60 ? ILE A 66 ? GLY A 441 ILE A 447 
# 
loop_
_pdbx_struct_sheet_hbond.sheet_id 
_pdbx_struct_sheet_hbond.range_id_1 
_pdbx_struct_sheet_hbond.range_id_2 
_pdbx_struct_sheet_hbond.range_1_label_atom_id 
_pdbx_struct_sheet_hbond.range_1_label_comp_id 
_pdbx_struct_sheet_hbond.range_1_label_asym_id 
_pdbx_struct_sheet_hbond.range_1_label_seq_id 
_pdbx_struct_sheet_hbond.range_1_PDB_ins_code 
_pdbx_struct_sheet_hbond.range_1_auth_atom_id 
_pdbx_struct_sheet_hbond.range_1_auth_comp_id 
_pdbx_struct_sheet_hbond.range_1_auth_asym_id 
_pdbx_struct_sheet_hbond.range_1_auth_seq_id 
_pdbx_struct_sheet_hbond.range_2_label_atom_id 
_pdbx_struct_sheet_hbond.range_2_label_comp_id 
_pdbx_struct_sheet_hbond.range_2_label_asym_id 
_pdbx_struct_sheet_hbond.range_2_label_seq_id 
_pdbx_struct_sheet_hbond.range_2_PDB_ins_code 
_pdbx_struct_sheet_hbond.range_2_auth_atom_id 
_pdbx_struct_sheet_hbond.range_2_auth_comp_id 
_pdbx_struct_sheet_hbond.range_2_auth_asym_id 
_pdbx_struct_sheet_hbond.range_2_auth_seq_id 
A 1 2 O VAL A 24 ? O VAL A 405 N VAL A 11 ? N VAL A 392 
A 2 3 N LEU A 12 ? N LEU A 393 O ILE A 80 ? O ILE A 461 
A 3 4 O TRP A 83 ? O TRP A 464 N HIS A 51 ? N HIS A 432 
A 4 5 N TYR A 50 ? N TYR A 431 O ILE A 66 ? O ILE A 447 
# 
_struct_site.id                   AC1 
_struct_site.pdbx_evidence_code   Software 
_struct_site.pdbx_auth_asym_id    A 
_struct_site.pdbx_auth_comp_id    EDO 
_struct_site.pdbx_auth_seq_id     3318 
_struct_site.pdbx_auth_ins_code   ? 
_struct_site.pdbx_num_residues    1 
_struct_site.details              'BINDING SITE FOR RESIDUE EDO A 3318' 
# 
_struct_site_gen.id                   1 
_struct_site_gen.site_id              AC1 
_struct_site_gen.pdbx_num_res         1 
_struct_site_gen.label_comp_id        HOH 
_struct_site_gen.label_asym_id        C 
_struct_site_gen.label_seq_id         . 
_struct_site_gen.pdbx_auth_ins_code   ? 
_struct_site_gen.auth_comp_id         HOH 
_struct_site_gen.auth_asym_id         A 
_struct_site_gen.auth_seq_id          14 
_struct_site_gen.label_atom_id        . 
_struct_site_gen.label_alt_id         ? 
_struct_site_gen.symmetry             1_555 
_struct_site_gen.details              ? 
# 
_pdbx_entry_details.entry_id                   3PZ7 
_pdbx_entry_details.sequence_details           'THIS SEQUENCE IS ISOFORM 2, Q155Q3-2' 
_pdbx_entry_details.nonpolymer_details         ? 
_pdbx_entry_details.compound_details           ? 
_pdbx_entry_details.source_details             ? 
_pdbx_entry_details.has_ligand_of_interest     ? 
_pdbx_entry_details.has_protein_modification   Y 
# 
loop_
_pdbx_validate_torsion.id 
_pdbx_validate_torsion.PDB_model_num 
_pdbx_validate_torsion.auth_comp_id 
_pdbx_validate_torsion.auth_asym_id 
_pdbx_validate_torsion.auth_seq_id 
_pdbx_validate_torsion.PDB_ins_code 
_pdbx_validate_torsion.label_alt_id 
_pdbx_validate_torsion.phi 
_pdbx_validate_torsion.psi 
1 1 THR A 388 ? ? -80.79  47.52  
2 1 ARG A 398 ? ? -108.68 51.70  
3 1 PRO A 408 ? ? -79.96  36.81  
4 1 LEU A 411 ? ? 161.12  -46.49 
5 1 ASP A 424 ? ? 38.28   31.80  
# 
loop_
_pdbx_struct_mod_residue.id 
_pdbx_struct_mod_residue.label_asym_id 
_pdbx_struct_mod_residue.label_comp_id 
_pdbx_struct_mod_residue.label_seq_id 
_pdbx_struct_mod_residue.auth_asym_id 
_pdbx_struct_mod_residue.auth_comp_id 
_pdbx_struct_mod_residue.auth_seq_id 
_pdbx_struct_mod_residue.PDB_ins_code 
_pdbx_struct_mod_residue.parent_comp_id 
_pdbx_struct_mod_residue.details 
1 A MSE 4  A MSE 0   ? MET SELENOMETHIONINE 
2 A MSE 23 A MSE 404 ? MET SELENOMETHIONINE 
# 
_pdbx_struct_special_symmetry.id              1 
_pdbx_struct_special_symmetry.PDB_model_num   1 
_pdbx_struct_special_symmetry.auth_asym_id    A 
_pdbx_struct_special_symmetry.auth_comp_id    HOH 
_pdbx_struct_special_symmetry.auth_seq_id     21 
_pdbx_struct_special_symmetry.PDB_ins_code    ? 
_pdbx_struct_special_symmetry.label_asym_id   C 
_pdbx_struct_special_symmetry.label_comp_id   HOH 
_pdbx_struct_special_symmetry.label_seq_id    . 
# 
loop_
_pdbx_unobs_or_zero_occ_residues.id 
_pdbx_unobs_or_zero_occ_residues.PDB_model_num 
_pdbx_unobs_or_zero_occ_residues.polymer_flag 
_pdbx_unobs_or_zero_occ_residues.occupancy_flag 
_pdbx_unobs_or_zero_occ_residues.auth_asym_id 
_pdbx_unobs_or_zero_occ_residues.auth_comp_id 
_pdbx_unobs_or_zero_occ_residues.auth_seq_id 
_pdbx_unobs_or_zero_occ_residues.PDB_ins_code 
_pdbx_unobs_or_zero_occ_residues.label_asym_id 
_pdbx_unobs_or_zero_occ_residues.label_comp_id 
_pdbx_unobs_or_zero_occ_residues.label_seq_id 
1 1 Y 1 A GLY -3  ? A GLY 1  
2 1 Y 1 A HIS 469 ? A HIS 88 
3 1 Y 1 A GLY 470 ? A GLY 89 
4 1 Y 1 A GLU 471 ? A GLU 90 
5 1 Y 1 A ASN 472 ? A ASN 91 
# 
loop_
_chem_comp_atom.comp_id 
_chem_comp_atom.atom_id 
_chem_comp_atom.type_symbol 
_chem_comp_atom.pdbx_aromatic_flag 
_chem_comp_atom.pdbx_stereo_config 
_chem_comp_atom.pdbx_ordinal 
ALA N    N  N N 1   
ALA CA   C  N S 2   
ALA C    C  N N 3   
ALA O    O  N N 4   
ALA CB   C  N N 5   
ALA OXT  O  N N 6   
ALA H    H  N N 7   
ALA H2   H  N N 8   
ALA HA   H  N N 9   
ALA HB1  H  N N 10  
ALA HB2  H  N N 11  
ALA HB3  H  N N 12  
ALA HXT  H  N N 13  
ARG N    N  N N 14  
ARG CA   C  N S 15  
ARG C    C  N N 16  
ARG O    O  N N 17  
ARG CB   C  N N 18  
ARG CG   C  N N 19  
ARG CD   C  N N 20  
ARG NE   N  N N 21  
ARG CZ   C  N N 22  
ARG NH1  N  N N 23  
ARG NH2  N  N N 24  
ARG OXT  O  N N 25  
ARG H    H  N N 26  
ARG H2   H  N N 27  
ARG HA   H  N N 28  
ARG HB2  H  N N 29  
ARG HB3  H  N N 30  
ARG HG2  H  N N 31  
ARG HG3  H  N N 32  
ARG HD2  H  N N 33  
ARG HD3  H  N N 34  
ARG HE   H  N N 35  
ARG HH11 H  N N 36  
ARG HH12 H  N N 37  
ARG HH21 H  N N 38  
ARG HH22 H  N N 39  
ARG HXT  H  N N 40  
ASN N    N  N N 41  
ASN CA   C  N S 42  
ASN C    C  N N 43  
ASN O    O  N N 44  
ASN CB   C  N N 45  
ASN CG   C  N N 46  
ASN OD1  O  N N 47  
ASN ND2  N  N N 48  
ASN OXT  O  N N 49  
ASN H    H  N N 50  
ASN H2   H  N N 51  
ASN HA   H  N N 52  
ASN HB2  H  N N 53  
ASN HB3  H  N N 54  
ASN HD21 H  N N 55  
ASN HD22 H  N N 56  
ASN HXT  H  N N 57  
ASP N    N  N N 58  
ASP CA   C  N S 59  
ASP C    C  N N 60  
ASP O    O  N N 61  
ASP CB   C  N N 62  
ASP CG   C  N N 63  
ASP OD1  O  N N 64  
ASP OD2  O  N N 65  
ASP OXT  O  N N 66  
ASP H    H  N N 67  
ASP H2   H  N N 68  
ASP HA   H  N N 69  
ASP HB2  H  N N 70  
ASP HB3  H  N N 71  
ASP HD2  H  N N 72  
ASP HXT  H  N N 73  
CYS N    N  N N 74  
CYS CA   C  N R 75  
CYS C    C  N N 76  
CYS O    O  N N 77  
CYS CB   C  N N 78  
CYS SG   S  N N 79  
CYS OXT  O  N N 80  
CYS H    H  N N 81  
CYS H2   H  N N 82  
CYS HA   H  N N 83  
CYS HB2  H  N N 84  
CYS HB3  H  N N 85  
CYS HG   H  N N 86  
CYS HXT  H  N N 87  
EDO C1   C  N N 88  
EDO O1   O  N N 89  
EDO C2   C  N N 90  
EDO O2   O  N N 91  
EDO H11  H  N N 92  
EDO H12  H  N N 93  
EDO HO1  H  N N 94  
EDO H21  H  N N 95  
EDO H22  H  N N 96  
EDO HO2  H  N N 97  
GLU N    N  N N 98  
GLU CA   C  N S 99  
GLU C    C  N N 100 
GLU O    O  N N 101 
GLU CB   C  N N 102 
GLU CG   C  N N 103 
GLU CD   C  N N 104 
GLU OE1  O  N N 105 
GLU OE2  O  N N 106 
GLU OXT  O  N N 107 
GLU H    H  N N 108 
GLU H2   H  N N 109 
GLU HA   H  N N 110 
GLU HB2  H  N N 111 
GLU HB3  H  N N 112 
GLU HG2  H  N N 113 
GLU HG3  H  N N 114 
GLU HE2  H  N N 115 
GLU HXT  H  N N 116 
GLY N    N  N N 117 
GLY CA   C  N N 118 
GLY C    C  N N 119 
GLY O    O  N N 120 
GLY OXT  O  N N 121 
GLY H    H  N N 122 
GLY H2   H  N N 123 
GLY HA2  H  N N 124 
GLY HA3  H  N N 125 
GLY HXT  H  N N 126 
HIS N    N  N N 127 
HIS CA   C  N S 128 
HIS C    C  N N 129 
HIS O    O  N N 130 
HIS CB   C  N N 131 
HIS CG   C  Y N 132 
HIS ND1  N  Y N 133 
HIS CD2  C  Y N 134 
HIS CE1  C  Y N 135 
HIS NE2  N  Y N 136 
HIS OXT  O  N N 137 
HIS H    H  N N 138 
HIS H2   H  N N 139 
HIS HA   H  N N 140 
HIS HB2  H  N N 141 
HIS HB3  H  N N 142 
HIS HD1  H  N N 143 
HIS HD2  H  N N 144 
HIS HE1  H  N N 145 
HIS HE2  H  N N 146 
HIS HXT  H  N N 147 
HOH O    O  N N 148 
HOH H1   H  N N 149 
HOH H2   H  N N 150 
ILE N    N  N N 151 
ILE CA   C  N S 152 
ILE C    C  N N 153 
ILE O    O  N N 154 
ILE CB   C  N S 155 
ILE CG1  C  N N 156 
ILE CG2  C  N N 157 
ILE CD1  C  N N 158 
ILE OXT  O  N N 159 
ILE H    H  N N 160 
ILE H2   H  N N 161 
ILE HA   H  N N 162 
ILE HB   H  N N 163 
ILE HG12 H  N N 164 
ILE HG13 H  N N 165 
ILE HG21 H  N N 166 
ILE HG22 H  N N 167 
ILE HG23 H  N N 168 
ILE HD11 H  N N 169 
ILE HD12 H  N N 170 
ILE HD13 H  N N 171 
ILE HXT  H  N N 172 
LEU N    N  N N 173 
LEU CA   C  N S 174 
LEU C    C  N N 175 
LEU O    O  N N 176 
LEU CB   C  N N 177 
LEU CG   C  N N 178 
LEU CD1  C  N N 179 
LEU CD2  C  N N 180 
LEU OXT  O  N N 181 
LEU H    H  N N 182 
LEU H2   H  N N 183 
LEU HA   H  N N 184 
LEU HB2  H  N N 185 
LEU HB3  H  N N 186 
LEU HG   H  N N 187 
LEU HD11 H  N N 188 
LEU HD12 H  N N 189 
LEU HD13 H  N N 190 
LEU HD21 H  N N 191 
LEU HD22 H  N N 192 
LEU HD23 H  N N 193 
LEU HXT  H  N N 194 
LYS N    N  N N 195 
LYS CA   C  N S 196 
LYS C    C  N N 197 
LYS O    O  N N 198 
LYS CB   C  N N 199 
LYS CG   C  N N 200 
LYS CD   C  N N 201 
LYS CE   C  N N 202 
LYS NZ   N  N N 203 
LYS OXT  O  N N 204 
LYS H    H  N N 205 
LYS H2   H  N N 206 
LYS HA   H  N N 207 
LYS HB2  H  N N 208 
LYS HB3  H  N N 209 
LYS HG2  H  N N 210 
LYS HG3  H  N N 211 
LYS HD2  H  N N 212 
LYS HD3  H  N N 213 
LYS HE2  H  N N 214 
LYS HE3  H  N N 215 
LYS HZ1  H  N N 216 
LYS HZ2  H  N N 217 
LYS HZ3  H  N N 218 
LYS HXT  H  N N 219 
MET N    N  N N 220 
MET CA   C  N S 221 
MET C    C  N N 222 
MET O    O  N N 223 
MET CB   C  N N 224 
MET CG   C  N N 225 
MET SD   S  N N 226 
MET CE   C  N N 227 
MET OXT  O  N N 228 
MET H    H  N N 229 
MET H2   H  N N 230 
MET HA   H  N N 231 
MET HB2  H  N N 232 
MET HB3  H  N N 233 
MET HG2  H  N N 234 
MET HG3  H  N N 235 
MET HE1  H  N N 236 
MET HE2  H  N N 237 
MET HE3  H  N N 238 
MET HXT  H  N N 239 
MSE N    N  N N 240 
MSE CA   C  N S 241 
MSE C    C  N N 242 
MSE O    O  N N 243 
MSE OXT  O  N N 244 
MSE CB   C  N N 245 
MSE CG   C  N N 246 
MSE SE   SE N N 247 
MSE CE   C  N N 248 
MSE H    H  N N 249 
MSE H2   H  N N 250 
MSE HA   H  N N 251 
MSE HXT  H  N N 252 
MSE HB2  H  N N 253 
MSE HB3  H  N N 254 
MSE HG2  H  N N 255 
MSE HG3  H  N N 256 
MSE HE1  H  N N 257 
MSE HE2  H  N N 258 
MSE HE3  H  N N 259 
PHE N    N  N N 260 
PHE CA   C  N S 261 
PHE C    C  N N 262 
PHE O    O  N N 263 
PHE CB   C  N N 264 
PHE CG   C  Y N 265 
PHE CD1  C  Y N 266 
PHE CD2  C  Y N 267 
PHE CE1  C  Y N 268 
PHE CE2  C  Y N 269 
PHE CZ   C  Y N 270 
PHE OXT  O  N N 271 
PHE H    H  N N 272 
PHE H2   H  N N 273 
PHE HA   H  N N 274 
PHE HB2  H  N N 275 
PHE HB3  H  N N 276 
PHE HD1  H  N N 277 
PHE HD2  H  N N 278 
PHE HE1  H  N N 279 
PHE HE2  H  N N 280 
PHE HZ   H  N N 281 
PHE HXT  H  N N 282 
PRO N    N  N N 283 
PRO CA   C  N S 284 
PRO C    C  N N 285 
PRO O    O  N N 286 
PRO CB   C  N N 287 
PRO CG   C  N N 288 
PRO CD   C  N N 289 
PRO OXT  O  N N 290 
PRO H    H  N N 291 
PRO HA   H  N N 292 
PRO HB2  H  N N 293 
PRO HB3  H  N N 294 
PRO HG2  H  N N 295 
PRO HG3  H  N N 296 
PRO HD2  H  N N 297 
PRO HD3  H  N N 298 
PRO HXT  H  N N 299 
SER N    N  N N 300 
SER CA   C  N S 301 
SER C    C  N N 302 
SER O    O  N N 303 
SER CB   C  N N 304 
SER OG   O  N N 305 
SER OXT  O  N N 306 
SER H    H  N N 307 
SER H2   H  N N 308 
SER HA   H  N N 309 
SER HB2  H  N N 310 
SER HB3  H  N N 311 
SER HG   H  N N 312 
SER HXT  H  N N 313 
THR N    N  N N 314 
THR CA   C  N S 315 
THR C    C  N N 316 
THR O    O  N N 317 
THR CB   C  N R 318 
THR OG1  O  N N 319 
THR CG2  C  N N 320 
THR OXT  O  N N 321 
THR H    H  N N 322 
THR H2   H  N N 323 
THR HA   H  N N 324 
THR HB   H  N N 325 
THR HG1  H  N N 326 
THR HG21 H  N N 327 
THR HG22 H  N N 328 
THR HG23 H  N N 329 
THR HXT  H  N N 330 
TRP N    N  N N 331 
TRP CA   C  N S 332 
TRP C    C  N N 333 
TRP O    O  N N 334 
TRP CB   C  N N 335 
TRP CG   C  Y N 336 
TRP CD1  C  Y N 337 
TRP CD2  C  Y N 338 
TRP NE1  N  Y N 339 
TRP CE2  C  Y N 340 
TRP CE3  C  Y N 341 
TRP CZ2  C  Y N 342 
TRP CZ3  C  Y N 343 
TRP CH2  C  Y N 344 
TRP OXT  O  N N 345 
TRP H    H  N N 346 
TRP H2   H  N N 347 
TRP HA   H  N N 348 
TRP HB2  H  N N 349 
TRP HB3  H  N N 350 
TRP HD1  H  N N 351 
TRP HE1  H  N N 352 
TRP HE3  H  N N 353 
TRP HZ2  H  N N 354 
TRP HZ3  H  N N 355 
TRP HH2  H  N N 356 
TRP HXT  H  N N 357 
TYR N    N  N N 358 
TYR CA   C  N S 359 
TYR C    C  N N 360 
TYR O    O  N N 361 
TYR CB   C  N N 362 
TYR CG   C  Y N 363 
TYR CD1  C  Y N 364 
TYR CD2  C  Y N 365 
TYR CE1  C  Y N 366 
TYR CE2  C  Y N 367 
TYR CZ   C  Y N 368 
TYR OH   O  N N 369 
TYR OXT  O  N N 370 
TYR H    H  N N 371 
TYR H2   H  N N 372 
TYR HA   H  N N 373 
TYR HB2  H  N N 374 
TYR HB3  H  N N 375 
TYR HD1  H  N N 376 
TYR HD2  H  N N 377 
TYR HE1  H  N N 378 
TYR HE2  H  N N 379 
TYR HH   H  N N 380 
TYR HXT  H  N N 381 
VAL N    N  N N 382 
VAL CA   C  N S 383 
VAL C    C  N N 384 
VAL O    O  N N 385 
VAL CB   C  N N 386 
VAL CG1  C  N N 387 
VAL CG2  C  N N 388 
VAL OXT  O  N N 389 
VAL H    H  N N 390 
VAL H2   H  N N 391 
VAL HA   H  N N 392 
VAL HB   H  N N 393 
VAL HG11 H  N N 394 
VAL HG12 H  N N 395 
VAL HG13 H  N N 396 
VAL HG21 H  N N 397 
VAL HG22 H  N N 398 
VAL HG23 H  N N 399 
VAL HXT  H  N N 400 
# 
loop_
_chem_comp_bond.comp_id 
_chem_comp_bond.atom_id_1 
_chem_comp_bond.atom_id_2 
_chem_comp_bond.value_order 
_chem_comp_bond.pdbx_aromatic_flag 
_chem_comp_bond.pdbx_stereo_config 
_chem_comp_bond.pdbx_ordinal 
ALA N   CA   sing N N 1   
ALA N   H    sing N N 2   
ALA N   H2   sing N N 3   
ALA CA  C    sing N N 4   
ALA CA  CB   sing N N 5   
ALA CA  HA   sing N N 6   
ALA C   O    doub N N 7   
ALA C   OXT  sing N N 8   
ALA CB  HB1  sing N N 9   
ALA CB  HB2  sing N N 10  
ALA CB  HB3  sing N N 11  
ALA OXT HXT  sing N N 12  
ARG N   CA   sing N N 13  
ARG N   H    sing N N 14  
ARG N   H2   sing N N 15  
ARG CA  C    sing N N 16  
ARG CA  CB   sing N N 17  
ARG CA  HA   sing N N 18  
ARG C   O    doub N N 19  
ARG C   OXT  sing N N 20  
ARG CB  CG   sing N N 21  
ARG CB  HB2  sing N N 22  
ARG CB  HB3  sing N N 23  
ARG CG  CD   sing N N 24  
ARG CG  HG2  sing N N 25  
ARG CG  HG3  sing N N 26  
ARG CD  NE   sing N N 27  
ARG CD  HD2  sing N N 28  
ARG CD  HD3  sing N N 29  
ARG NE  CZ   sing N N 30  
ARG NE  HE   sing N N 31  
ARG CZ  NH1  sing N N 32  
ARG CZ  NH2  doub N N 33  
ARG NH1 HH11 sing N N 34  
ARG NH1 HH12 sing N N 35  
ARG NH2 HH21 sing N N 36  
ARG NH2 HH22 sing N N 37  
ARG OXT HXT  sing N N 38  
ASN N   CA   sing N N 39  
ASN N   H    sing N N 40  
ASN N   H2   sing N N 41  
ASN CA  C    sing N N 42  
ASN CA  CB   sing N N 43  
ASN CA  HA   sing N N 44  
ASN C   O    doub N N 45  
ASN C   OXT  sing N N 46  
ASN CB  CG   sing N N 47  
ASN CB  HB2  sing N N 48  
ASN CB  HB3  sing N N 49  
ASN CG  OD1  doub N N 50  
ASN CG  ND2  sing N N 51  
ASN ND2 HD21 sing N N 52  
ASN ND2 HD22 sing N N 53  
ASN OXT HXT  sing N N 54  
ASP N   CA   sing N N 55  
ASP N   H    sing N N 56  
ASP N   H2   sing N N 57  
ASP CA  C    sing N N 58  
ASP CA  CB   sing N N 59  
ASP CA  HA   sing N N 60  
ASP C   O    doub N N 61  
ASP C   OXT  sing N N 62  
ASP CB  CG   sing N N 63  
ASP CB  HB2  sing N N 64  
ASP CB  HB3  sing N N 65  
ASP CG  OD1  doub N N 66  
ASP CG  OD2  sing N N 67  
ASP OD2 HD2  sing N N 68  
ASP OXT HXT  sing N N 69  
CYS N   CA   sing N N 70  
CYS N   H    sing N N 71  
CYS N   H2   sing N N 72  
CYS CA  C    sing N N 73  
CYS CA  CB   sing N N 74  
CYS CA  HA   sing N N 75  
CYS C   O    doub N N 76  
CYS C   OXT  sing N N 77  
CYS CB  SG   sing N N 78  
CYS CB  HB2  sing N N 79  
CYS CB  HB3  sing N N 80  
CYS SG  HG   sing N N 81  
CYS OXT HXT  sing N N 82  
EDO C1  O1   sing N N 83  
EDO C1  C2   sing N N 84  
EDO C1  H11  sing N N 85  
EDO C1  H12  sing N N 86  
EDO O1  HO1  sing N N 87  
EDO C2  O2   sing N N 88  
EDO C2  H21  sing N N 89  
EDO C2  H22  sing N N 90  
EDO O2  HO2  sing N N 91  
GLU N   CA   sing N N 92  
GLU N   H    sing N N 93  
GLU N   H2   sing N N 94  
GLU CA  C    sing N N 95  
GLU CA  CB   sing N N 96  
GLU CA  HA   sing N N 97  
GLU C   O    doub N N 98  
GLU C   OXT  sing N N 99  
GLU CB  CG   sing N N 100 
GLU CB  HB2  sing N N 101 
GLU CB  HB3  sing N N 102 
GLU CG  CD   sing N N 103 
GLU CG  HG2  sing N N 104 
GLU CG  HG3  sing N N 105 
GLU CD  OE1  doub N N 106 
GLU CD  OE2  sing N N 107 
GLU OE2 HE2  sing N N 108 
GLU OXT HXT  sing N N 109 
GLY N   CA   sing N N 110 
GLY N   H    sing N N 111 
GLY N   H2   sing N N 112 
GLY CA  C    sing N N 113 
GLY CA  HA2  sing N N 114 
GLY CA  HA3  sing N N 115 
GLY C   O    doub N N 116 
GLY C   OXT  sing N N 117 
GLY OXT HXT  sing N N 118 
HIS N   CA   sing N N 119 
HIS N   H    sing N N 120 
HIS N   H2   sing N N 121 
HIS CA  C    sing N N 122 
HIS CA  CB   sing N N 123 
HIS CA  HA   sing N N 124 
HIS C   O    doub N N 125 
HIS C   OXT  sing N N 126 
HIS CB  CG   sing N N 127 
HIS CB  HB2  sing N N 128 
HIS CB  HB3  sing N N 129 
HIS CG  ND1  sing Y N 130 
HIS CG  CD2  doub Y N 131 
HIS ND1 CE1  doub Y N 132 
HIS ND1 HD1  sing N N 133 
HIS CD2 NE2  sing Y N 134 
HIS CD2 HD2  sing N N 135 
HIS CE1 NE2  sing Y N 136 
HIS CE1 HE1  sing N N 137 
HIS NE2 HE2  sing N N 138 
HIS OXT HXT  sing N N 139 
HOH O   H1   sing N N 140 
HOH O   H2   sing N N 141 
ILE N   CA   sing N N 142 
ILE N   H    sing N N 143 
ILE N   H2   sing N N 144 
ILE CA  C    sing N N 145 
ILE CA  CB   sing N N 146 
ILE CA  HA   sing N N 147 
ILE C   O    doub N N 148 
ILE C   OXT  sing N N 149 
ILE CB  CG1  sing N N 150 
ILE CB  CG2  sing N N 151 
ILE CB  HB   sing N N 152 
ILE CG1 CD1  sing N N 153 
ILE CG1 HG12 sing N N 154 
ILE CG1 HG13 sing N N 155 
ILE CG2 HG21 sing N N 156 
ILE CG2 HG22 sing N N 157 
ILE CG2 HG23 sing N N 158 
ILE CD1 HD11 sing N N 159 
ILE CD1 HD12 sing N N 160 
ILE CD1 HD13 sing N N 161 
ILE OXT HXT  sing N N 162 
LEU N   CA   sing N N 163 
LEU N   H    sing N N 164 
LEU N   H2   sing N N 165 
LEU CA  C    sing N N 166 
LEU CA  CB   sing N N 167 
LEU CA  HA   sing N N 168 
LEU C   O    doub N N 169 
LEU C   OXT  sing N N 170 
LEU CB  CG   sing N N 171 
LEU CB  HB2  sing N N 172 
LEU CB  HB3  sing N N 173 
LEU CG  CD1  sing N N 174 
LEU CG  CD2  sing N N 175 
LEU CG  HG   sing N N 176 
LEU CD1 HD11 sing N N 177 
LEU CD1 HD12 sing N N 178 
LEU CD1 HD13 sing N N 179 
LEU CD2 HD21 sing N N 180 
LEU CD2 HD22 sing N N 181 
LEU CD2 HD23 sing N N 182 
LEU OXT HXT  sing N N 183 
LYS N   CA   sing N N 184 
LYS N   H    sing N N 185 
LYS N   H2   sing N N 186 
LYS CA  C    sing N N 187 
LYS CA  CB   sing N N 188 
LYS CA  HA   sing N N 189 
LYS C   O    doub N N 190 
LYS C   OXT  sing N N 191 
LYS CB  CG   sing N N 192 
LYS CB  HB2  sing N N 193 
LYS CB  HB3  sing N N 194 
LYS CG  CD   sing N N 195 
LYS CG  HG2  sing N N 196 
LYS CG  HG3  sing N N 197 
LYS CD  CE   sing N N 198 
LYS CD  HD2  sing N N 199 
LYS CD  HD3  sing N N 200 
LYS CE  NZ   sing N N 201 
LYS CE  HE2  sing N N 202 
LYS CE  HE3  sing N N 203 
LYS NZ  HZ1  sing N N 204 
LYS NZ  HZ2  sing N N 205 
LYS NZ  HZ3  sing N N 206 
LYS OXT HXT  sing N N 207 
MET N   CA   sing N N 208 
MET N   H    sing N N 209 
MET N   H2   sing N N 210 
MET CA  C    sing N N 211 
MET CA  CB   sing N N 212 
MET CA  HA   sing N N 213 
MET C   O    doub N N 214 
MET C   OXT  sing N N 215 
MET CB  CG   sing N N 216 
MET CB  HB2  sing N N 217 
MET CB  HB3  sing N N 218 
MET CG  SD   sing N N 219 
MET CG  HG2  sing N N 220 
MET CG  HG3  sing N N 221 
MET SD  CE   sing N N 222 
MET CE  HE1  sing N N 223 
MET CE  HE2  sing N N 224 
MET CE  HE3  sing N N 225 
MET OXT HXT  sing N N 226 
MSE N   CA   sing N N 227 
MSE N   H    sing N N 228 
MSE N   H2   sing N N 229 
MSE CA  C    sing N N 230 
MSE CA  CB   sing N N 231 
MSE CA  HA   sing N N 232 
MSE C   O    doub N N 233 
MSE C   OXT  sing N N 234 
MSE OXT HXT  sing N N 235 
MSE CB  CG   sing N N 236 
MSE CB  HB2  sing N N 237 
MSE CB  HB3  sing N N 238 
MSE CG  SE   sing N N 239 
MSE CG  HG2  sing N N 240 
MSE CG  HG3  sing N N 241 
MSE SE  CE   sing N N 242 
MSE CE  HE1  sing N N 243 
MSE CE  HE2  sing N N 244 
MSE CE  HE3  sing N N 245 
PHE N   CA   sing N N 246 
PHE N   H    sing N N 247 
PHE N   H2   sing N N 248 
PHE CA  C    sing N N 249 
PHE CA  CB   sing N N 250 
PHE CA  HA   sing N N 251 
PHE C   O    doub N N 252 
PHE C   OXT  sing N N 253 
PHE CB  CG   sing N N 254 
PHE CB  HB2  sing N N 255 
PHE CB  HB3  sing N N 256 
PHE CG  CD1  doub Y N 257 
PHE CG  CD2  sing Y N 258 
PHE CD1 CE1  sing Y N 259 
PHE CD1 HD1  sing N N 260 
PHE CD2 CE2  doub Y N 261 
PHE CD2 HD2  sing N N 262 
PHE CE1 CZ   doub Y N 263 
PHE CE1 HE1  sing N N 264 
PHE CE2 CZ   sing Y N 265 
PHE CE2 HE2  sing N N 266 
PHE CZ  HZ   sing N N 267 
PHE OXT HXT  sing N N 268 
PRO N   CA   sing N N 269 
PRO N   CD   sing N N 270 
PRO N   H    sing N N 271 
PRO CA  C    sing N N 272 
PRO CA  CB   sing N N 273 
PRO CA  HA   sing N N 274 
PRO C   O    doub N N 275 
PRO C   OXT  sing N N 276 
PRO CB  CG   sing N N 277 
PRO CB  HB2  sing N N 278 
PRO CB  HB3  sing N N 279 
PRO CG  CD   sing N N 280 
PRO CG  HG2  sing N N 281 
PRO CG  HG3  sing N N 282 
PRO CD  HD2  sing N N 283 
PRO CD  HD3  sing N N 284 
PRO OXT HXT  sing N N 285 
SER N   CA   sing N N 286 
SER N   H    sing N N 287 
SER N   H2   sing N N 288 
SER CA  C    sing N N 289 
SER CA  CB   sing N N 290 
SER CA  HA   sing N N 291 
SER C   O    doub N N 292 
SER C   OXT  sing N N 293 
SER CB  OG   sing N N 294 
SER CB  HB2  sing N N 295 
SER CB  HB3  sing N N 296 
SER OG  HG   sing N N 297 
SER OXT HXT  sing N N 298 
THR N   CA   sing N N 299 
THR N   H    sing N N 300 
THR N   H2   sing N N 301 
THR CA  C    sing N N 302 
THR CA  CB   sing N N 303 
THR CA  HA   sing N N 304 
THR C   O    doub N N 305 
THR C   OXT  sing N N 306 
THR CB  OG1  sing N N 307 
THR CB  CG2  sing N N 308 
THR CB  HB   sing N N 309 
THR OG1 HG1  sing N N 310 
THR CG2 HG21 sing N N 311 
THR CG2 HG22 sing N N 312 
THR CG2 HG23 sing N N 313 
THR OXT HXT  sing N N 314 
TRP N   CA   sing N N 315 
TRP N   H    sing N N 316 
TRP N   H2   sing N N 317 
TRP CA  C    sing N N 318 
TRP CA  CB   sing N N 319 
TRP CA  HA   sing N N 320 
TRP C   O    doub N N 321 
TRP C   OXT  sing N N 322 
TRP CB  CG   sing N N 323 
TRP CB  HB2  sing N N 324 
TRP CB  HB3  sing N N 325 
TRP CG  CD1  doub Y N 326 
TRP CG  CD2  sing Y N 327 
TRP CD1 NE1  sing Y N 328 
TRP CD1 HD1  sing N N 329 
TRP CD2 CE2  doub Y N 330 
TRP CD2 CE3  sing Y N 331 
TRP NE1 CE2  sing Y N 332 
TRP NE1 HE1  sing N N 333 
TRP CE2 CZ2  sing Y N 334 
TRP CE3 CZ3  doub Y N 335 
TRP CE3 HE3  sing N N 336 
TRP CZ2 CH2  doub Y N 337 
TRP CZ2 HZ2  sing N N 338 
TRP CZ3 CH2  sing Y N 339 
TRP CZ3 HZ3  sing N N 340 
TRP CH2 HH2  sing N N 341 
TRP OXT HXT  sing N N 342 
TYR N   CA   sing N N 343 
TYR N   H    sing N N 344 
TYR N   H2   sing N N 345 
TYR CA  C    sing N N 346 
TYR CA  CB   sing N N 347 
TYR CA  HA   sing N N 348 
TYR C   O    doub N N 349 
TYR C   OXT  sing N N 350 
TYR CB  CG   sing N N 351 
TYR CB  HB2  sing N N 352 
TYR CB  HB3  sing N N 353 
TYR CG  CD1  doub Y N 354 
TYR CG  CD2  sing Y N 355 
TYR CD1 CE1  sing Y N 356 
TYR CD1 HD1  sing N N 357 
TYR CD2 CE2  doub Y N 358 
TYR CD2 HD2  sing N N 359 
TYR CE1 CZ   doub Y N 360 
TYR CE1 HE1  sing N N 361 
TYR CE2 CZ   sing Y N 362 
TYR CE2 HE2  sing N N 363 
TYR CZ  OH   sing N N 364 
TYR OH  HH   sing N N 365 
TYR OXT HXT  sing N N 366 
VAL N   CA   sing N N 367 
VAL N   H    sing N N 368 
VAL N   H2   sing N N 369 
VAL CA  C    sing N N 370 
VAL CA  CB   sing N N 371 
VAL CA  HA   sing N N 372 
VAL C   O    doub N N 373 
VAL C   OXT  sing N N 374 
VAL CB  CG1  sing N N 375 
VAL CB  CG2  sing N N 376 
VAL CB  HB   sing N N 377 
VAL CG1 HG11 sing N N 378 
VAL CG1 HG12 sing N N 379 
VAL CG1 HG13 sing N N 380 
VAL CG2 HG21 sing N N 381 
VAL CG2 HG22 sing N N 382 
VAL CG2 HG23 sing N N 383 
VAL OXT HXT  sing N N 384 
# 
_atom_sites.entry_id                    3PZ7 
_atom_sites.fract_transf_matrix[1][1]   0.00726073 
_atom_sites.fract_transf_matrix[1][2]   -0.01011798 
_atom_sites.fract_transf_matrix[1][3]   -0.01361689 
_atom_sites.fract_transf_matrix[2][1]   -0.00908557 
_atom_sites.fract_transf_matrix[2][2]   -0.01473026 
_atom_sites.fract_transf_matrix[2][3]   -0.00640196 
_atom_sites.fract_transf_matrix[3][1]   -0.00592502 
_atom_sites.fract_transf_matrix[3][2]   0.00742562 
_atom_sites.fract_transf_matrix[3][3]   -0.00867689 
_atom_sites.fract_transf_vector[1]      0.211470 
_atom_sites.fract_transf_vector[2]      0.389733 
_atom_sites.fract_transf_vector[3]      0.522451 
# 
loop_
_atom_type.symbol 
C  
N  
O  
S  
SE 
# 
loop_
_atom_site.group_PDB 
_atom_site.id 
_atom_site.type_symbol 
_atom_site.label_atom_id 
_atom_site.label_alt_id 
_atom_site.label_comp_id 
_atom_site.label_asym_id 
_atom_site.label_entity_id 
_atom_site.label_seq_id 
_atom_site.pdbx_PDB_ins_code 
_atom_site.Cartn_x 
_atom_site.Cartn_y 
_atom_site.Cartn_z 
_atom_site.occupancy 
_atom_site.B_iso_or_equiv 
_atom_site.pdbx_formal_charge 
_atom_site.auth_seq_id 
_atom_site.auth_comp_id 
_atom_site.auth_asym_id 
_atom_site.auth_atom_id 
_atom_site.pdbx_PDB_model_num 
ATOM   1   N  N   . PRO A 1 2  ? 17.785  -15.061 -6.752  1.00 37.73 ? -2   PRO A N   1 
ATOM   2   C  CA  . PRO A 1 2  ? 16.432  -15.603 -6.562  1.00 36.98 ? -2   PRO A CA  1 
ATOM   3   C  C   . PRO A 1 2  ? 15.410  -14.720 -7.236  1.00 39.37 ? -2   PRO A C   1 
ATOM   4   O  O   . PRO A 1 2  ? 15.362  -13.520 -6.963  1.00 42.07 ? -2   PRO A O   1 
ATOM   5   C  CB  . PRO A 1 2  ? 16.233  -15.572 -5.032  1.00 35.70 ? -2   PRO A CB  1 
ATOM   6   C  CG  . PRO A 1 2  ? 17.357  -14.743 -4.506  1.00 40.40 ? -2   PRO A CG  1 
ATOM   7   C  CD  . PRO A 1 2  ? 18.493  -14.950 -5.468  1.00 38.93 ? -2   PRO A CD  1 
ATOM   8   N  N   . HIS A 1 3  ? 14.597  -15.309 -8.102  1.00 41.43 ? -1   HIS A N   1 
ATOM   9   C  CA  . HIS A 1 3  ? 13.773  -14.536 -9.015  1.00 41.60 ? -1   HIS A CA  1 
ATOM   10  C  C   . HIS A 1 3  ? 12.316  -14.534 -8.664  1.00 41.07 ? -1   HIS A C   1 
ATOM   11  O  O   . HIS A 1 3  ? 11.762  -15.534 -8.259  1.00 42.20 ? -1   HIS A O   1 
ATOM   12  C  CB  . HIS A 1 3  ? 13.920  -15.068 -10.435 1.00 41.19 ? -1   HIS A CB  1 
ATOM   13  C  CG  . HIS A 1 3  ? 15.303  -14.943 -10.972 1.00 44.34 ? -1   HIS A CG  1 
ATOM   14  N  ND1 . HIS A 1 3  ? 15.738  -13.817 -11.641 1.00 42.28 ? -1   HIS A ND1 1 
ATOM   15  C  CD2 . HIS A 1 3  ? 16.362  -15.783 -10.916 1.00 43.13 ? -1   HIS A CD2 1 
ATOM   16  C  CE1 . HIS A 1 3  ? 16.992  -13.978 -11.983 1.00 42.75 ? -1   HIS A CE1 1 
ATOM   17  N  NE2 . HIS A 1 3  ? 17.404  -15.162 -11.565 1.00 43.98 ? -1   HIS A NE2 1 
HETATM 18  N  N   . MSE A 1 4  ? 11.690  -13.398 -8.868  1.00 38.07 ? 0    MSE A N   1 
HETATM 19  C  CA  . MSE A 1 4  ? 10.304  -13.276 -8.549  1.00 39.18 ? 0    MSE A CA  1 
HETATM 20  C  C   . MSE A 1 4  ? 9.391   -13.538 -9.735  1.00 43.60 ? 0    MSE A C   1 
HETATM 21  O  O   . MSE A 1 4  ? 9.755   -13.367 -10.906 1.00 43.21 ? 0    MSE A O   1 
HETATM 22  C  CB  . MSE A 1 4  ? 10.047  -11.892 -8.017  1.00 45.54 ? 0    MSE A CB  1 
HETATM 23  C  CG  . MSE A 1 4  ? 8.706   -11.747 -7.368  1.00 50.68 ? 0    MSE A CG  1 
HETATM 24  SE SE  . MSE A 1 4  ? 8.721   -10.109 -6.346  1.00 64.42 ? 0    MSE A SE  1 
HETATM 25  C  CE  . MSE A 1 4  ? 6.792   -10.069 -6.050  1.00 48.60 ? 0    MSE A CE  1 
ATOM   26  N  N   . SER A 1 5  ? 8.181   -13.956 -9.406  1.00 43.24 ? 386  SER A N   1 
ATOM   27  C  CA  . SER A 1 5  ? 7.155   -14.231 -10.390 1.00 42.12 ? 386  SER A CA  1 
ATOM   28  C  C   . SER A 1 5  ? 6.634   -12.910 -10.938 1.00 44.89 ? 386  SER A C   1 
ATOM   29  O  O   . SER A 1 5  ? 7.033   -11.843 -10.477 1.00 42.23 ? 386  SER A O   1 
ATOM   30  C  CB  . SER A 1 5  ? 6.033   -15.011 -9.717  1.00 42.14 ? 386  SER A CB  1 
ATOM   31  O  OG  . SER A 1 5  ? 4.784   -14.687 -10.261 1.00 44.09 ? 386  SER A OG  1 
ATOM   32  N  N   . SER A 1 6  ? 5.747   -12.981 -11.924 1.00 45.94 ? 387  SER A N   1 
ATOM   33  C  CA  . SER A 1 6  ? 5.180   -11.785 -12.531 1.00 42.17 ? 387  SER A CA  1 
ATOM   34  C  C   . SER A 1 6  ? 3.949   -11.313 -11.772 1.00 43.95 ? 387  SER A C   1 
ATOM   35  O  O   . SER A 1 6  ? 3.470   -10.211 -11.967 1.00 46.54 ? 387  SER A O   1 
ATOM   36  C  CB  . SER A 1 6  ? 4.833   -12.042 -14.002 1.00 43.02 ? 387  SER A CB  1 
ATOM   37  O  OG  . SER A 1 6  ? 5.963   -11.896 -14.848 1.00 42.33 ? 387  SER A OG  1 
ATOM   38  N  N   . THR A 1 7  ? 3.432   -12.165 -10.905 1.00 44.58 ? 388  THR A N   1 
ATOM   39  C  CA  . THR A 1 7  ? 2.300   -11.790 -10.067 1.00 45.46 ? 388  THR A CA  1 
ATOM   40  C  C   . THR A 1 7  ? 2.787   -10.973 -8.859  1.00 43.36 ? 388  THR A C   1 
ATOM   41  O  O   . THR A 1 7  ? 2.444   -11.225 -7.701  1.00 43.13 ? 388  THR A O   1 
ATOM   42  C  CB  . THR A 1 7  ? 1.472   -13.007 -9.681  1.00 48.58 ? 388  THR A CB  1 
ATOM   43  O  OG1 . THR A 1 7  ? 2.356   -14.081 -9.361  1.00 48.42 ? 388  THR A OG1 1 
ATOM   44  C  CG2 . THR A 1 7  ? 0.592   -13.425 -10.872 1.00 47.86 ? 388  THR A CG2 1 
ATOM   45  N  N   . CYS A 1 8  ? 3.630   -10.003 -9.189  1.00 43.17 ? 389  CYS A N   1 
ATOM   46  C  CA  . CYS A 1 8  ? 4.173   -9.017  -8.288  1.00 36.26 ? 389  CYS A CA  1 
ATOM   47  C  C   . CYS A 1 8  ? 3.156   -7.865  -8.328  1.00 37.47 ? 389  CYS A C   1 
ATOM   48  O  O   . CYS A 1 8  ? 2.360   -7.745  -9.265  1.00 37.65 ? 389  CYS A O   1 
ATOM   49  C  CB  . CYS A 1 8  ? 5.579   -8.633  -8.821  1.00 29.25 ? 389  CYS A CB  1 
ATOM   50  S  SG  . CYS A 1 8  ? 6.085   -6.861  -8.888  1.00 26.63 ? 389  CYS A SG  1 
ATOM   51  N  N   . THR A 1 9  ? 3.130   -7.054  -7.283  1.00 37.93 ? 390  THR A N   1 
ATOM   52  C  CA  . THR A 1 9  ? 2.594   -5.696  -7.376  1.00 33.36 ? 390  THR A CA  1 
ATOM   53  C  C   . THR A 1 9  ? 3.585   -4.841  -6.588  1.00 30.79 ? 390  THR A C   1 
ATOM   54  O  O   . THR A 1 9  ? 3.890   -5.159  -5.453  1.00 32.44 ? 390  THR A O   1 
ATOM   55  C  CB  . THR A 1 9  ? 1.109   -5.591  -6.889  1.00 33.45 ? 390  THR A CB  1 
ATOM   56  O  OG1 . THR A 1 9  ? 0.828   -4.273  -6.425  1.00 33.89 ? 390  THR A OG1 1 
ATOM   57  C  CG2 . THR A 1 9  ? 0.853   -6.501  -5.771  1.00 37.89 ? 390  THR A CG2 1 
ATOM   58  N  N   . LYS A 1 10 ? 4.172   -3.818  -7.201  1.00 31.22 ? 391  LYS A N   1 
ATOM   59  C  CA  . LYS A 1 10 ? 5.154   -3.015  -6.469  1.00 31.24 ? 391  LYS A CA  1 
ATOM   60  C  C   . LYS A 1 10 ? 4.515   -1.892  -5.696  1.00 30.97 ? 391  LYS A C   1 
ATOM   61  O  O   . LYS A 1 10 ? 3.598   -1.241  -6.174  1.00 33.08 ? 391  LYS A O   1 
ATOM   62  C  CB  . LYS A 1 10 ? 6.295   -2.492  -7.338  1.00 29.51 ? 391  LYS A CB  1 
ATOM   63  C  CG  . LYS A 1 10 ? 5.897   -1.698  -8.521  1.00 32.46 ? 391  LYS A CG  1 
ATOM   64  C  CD  . LYS A 1 10 ? 7.003   -1.754  -9.574  1.00 34.42 ? 391  LYS A CD  1 
ATOM   65  C  CE  . LYS A 1 10 ? 7.932   -0.581  -9.462  1.00 32.91 ? 391  LYS A CE  1 
ATOM   66  N  NZ  . LYS A 1 10 ? 8.752   -0.492  -10.685 1.00 32.90 ? 391  LYS A NZ  1 
ATOM   67  N  N   . VAL A 1 11 ? 5.012   -1.697  -4.483  1.00 30.23 ? 392  VAL A N   1 
ATOM   68  C  CA  . VAL A 1 11 ? 4.447   -0.764  -3.530  1.00 30.33 ? 392  VAL A CA  1 
ATOM   69  C  C   . VAL A 1 11 ? 5.486   0.309   -3.212  1.00 30.83 ? 392  VAL A C   1 
ATOM   70  O  O   . VAL A 1 11 ? 6.640   0.008   -2.910  1.00 31.15 ? 392  VAL A O   1 
ATOM   71  C  CB  . VAL A 1 11 ? 4.056   -1.501  -2.221  1.00 29.11 ? 392  VAL A CB  1 
ATOM   72  C  CG1 . VAL A 1 11 ? 3.258   -0.602  -1.312  1.00 31.68 ? 392  VAL A CG1 1 
ATOM   73  C  CG2 . VAL A 1 11 ? 3.245   -2.723  -2.538  1.00 29.73 ? 392  VAL A CG2 1 
ATOM   74  N  N   . LEU A 1 12 ? 5.093   1.566   -3.301  1.00 31.00 ? 393  LEU A N   1 
ATOM   75  C  CA  . LEU A 1 12 ? 5.945   2.621   -2.800  1.00 32.30 ? 393  LEU A CA  1 
ATOM   76  C  C   . LEU A 1 12 ? 5.270   3.098   -1.523  1.00 34.37 ? 393  LEU A C   1 
ATOM   77  O  O   . LEU A 1 12 ? 4.070   3.358   -1.534  1.00 34.58 ? 393  LEU A O   1 
ATOM   78  C  CB  . LEU A 1 12 ? 6.036   3.755   -3.813  1.00 29.35 ? 393  LEU A CB  1 
ATOM   79  C  CG  . LEU A 1 12 ? 6.930   4.917   -3.408  1.00 30.27 ? 393  LEU A CG  1 
ATOM   80  C  CD1 . LEU A 1 12 ? 8.354   4.632   -3.776  1.00 31.50 ? 393  LEU A CD1 1 
ATOM   81  C  CD2 . LEU A 1 12 ? 6.466   6.152   -4.117  1.00 34.54 ? 393  LEU A CD2 1 
ATOM   82  N  N   . TYR A 1 13 ? 5.985   3.181   -0.406  1.00 30.68 ? 394  TYR A N   1 
ATOM   83  C  CA  . TYR A 1 13 ? 5.325   3.719   0.778   1.00 30.91 ? 394  TYR A CA  1 
ATOM   84  C  C   . TYR A 1 13 ? 6.155   4.757   1.481   1.00 32.73 ? 394  TYR A C   1 
ATOM   85  O  O   . TYR A 1 13 ? 7.378   4.654   1.549   1.00 31.93 ? 394  TYR A O   1 
ATOM   86  C  CB  . TYR A 1 13 ? 4.796   2.632   1.746   1.00 30.84 ? 394  TYR A CB  1 
ATOM   87  C  CG  . TYR A 1 13 ? 5.841   1.809   2.453   1.00 30.90 ? 394  TYR A CG  1 
ATOM   88  C  CD1 . TYR A 1 13 ? 6.287   2.156   3.703   1.00 32.68 ? 394  TYR A CD1 1 
ATOM   89  C  CD2 . TYR A 1 13 ? 6.355   0.664   1.878   1.00 32.08 ? 394  TYR A CD2 1 
ATOM   90  C  CE1 . TYR A 1 13 ? 7.245   1.400   4.363   1.00 34.36 ? 394  TYR A CE1 1 
ATOM   91  C  CE2 . TYR A 1 13 ? 7.313   -0.098  2.519   1.00 32.51 ? 394  TYR A CE2 1 
ATOM   92  C  CZ  . TYR A 1 13 ? 7.761   0.273   3.764   1.00 34.84 ? 394  TYR A CZ  1 
ATOM   93  O  OH  . TYR A 1 13 ? 8.712   -0.491  4.426   1.00 36.85 ? 394  TYR A OH  1 
ATOM   94  N  N   . PHE A 1 14 ? 5.466   5.785   1.966   1.00 33.75 ? 395  PHE A N   1 
ATOM   95  C  CA  . PHE A 1 14 ? 6.104   6.836   2.732   1.00 34.27 ? 395  PHE A CA  1 
ATOM   96  C  C   . PHE A 1 14 ? 5.857   6.581   4.179   1.00 35.33 ? 395  PHE A C   1 
ATOM   97  O  O   . PHE A 1 14 ? 4.850   6.005   4.542   1.00 35.37 ? 395  PHE A O   1 
ATOM   98  C  CB  . PHE A 1 14 ? 5.543   8.197   2.377   1.00 32.74 ? 395  PHE A CB  1 
ATOM   99  C  CG  . PHE A 1 14 ? 5.821   8.599   0.991   1.00 28.35 ? 395  PHE A CG  1 
ATOM   100 C  CD1 . PHE A 1 14 ? 5.029   8.148   -0.032  1.00 30.03 ? 395  PHE A CD1 1 
ATOM   101 C  CD2 . PHE A 1 14 ? 6.878   9.412   0.704   1.00 30.33 ? 395  PHE A CD2 1 
ATOM   102 C  CE1 . PHE A 1 14 ? 5.267   8.514   -1.330  1.00 31.37 ? 395  PHE A CE1 1 
ATOM   103 C  CE2 . PHE A 1 14 ? 7.130   9.785   -0.594  1.00 31.89 ? 395  PHE A CE2 1 
ATOM   104 C  CZ  . PHE A 1 14 ? 6.318   9.332   -1.619  1.00 31.48 ? 395  PHE A CZ  1 
ATOM   105 N  N   . THR A 1 15 ? 6.776   7.043   5.002   1.00 35.46 ? 396  THR A N   1 
ATOM   106 C  CA  . THR A 1 15 ? 6.733   6.746   6.398   1.00 39.49 ? 396  THR A CA  1 
ATOM   107 C  C   . THR A 1 15 ? 6.873   8.086   7.089   1.00 47.19 ? 396  THR A C   1 
ATOM   108 O  O   . THR A 1 15 ? 7.278   9.072   6.439   1.00 45.96 ? 396  THR A O   1 
ATOM   109 C  CB  . THR A 1 15 ? 7.861   5.741   6.756   1.00 44.44 ? 396  THR A CB  1 
ATOM   110 O  OG1 . THR A 1 15 ? 7.409   4.827   7.752   1.00 47.84 ? 396  THR A OG1 1 
ATOM   111 C  CG2 . THR A 1 15 ? 9.103   6.433   7.258   1.00 46.93 ? 396  THR A CG2 1 
ATOM   112 N  N   . ASP A 1 16 ? 6.481   8.136   8.369   1.00 49.62 ? 397  ASP A N   1 
ATOM   113 C  CA  . ASP A 1 16 ? 6.658   9.324   9.213   1.00 51.96 ? 397  ASP A CA  1 
ATOM   114 C  C   . ASP A 1 16 ? 8.135   9.575   9.454   1.00 54.77 ? 397  ASP A C   1 
ATOM   115 O  O   . ASP A 1 16 ? 8.581   10.715  9.557   1.00 55.43 ? 397  ASP A O   1 
ATOM   116 C  CB  . ASP A 1 16 ? 5.960   9.128   10.568  1.00 55.18 ? 397  ASP A CB  1 
ATOM   117 C  CG  . ASP A 1 16 ? 4.603   9.804   10.637  1.00 54.38 ? 397  ASP A CG  1 
ATOM   118 O  OD1 . ASP A 1 16 ? 4.291   10.568  9.703   1.00 57.07 ? 397  ASP A OD1 1 
ATOM   119 O  OD2 . ASP A 1 16 ? 3.853   9.579   11.622  1.00 53.01 ? 397  ASP A OD2 1 
ATOM   120 N  N   . ARG A 1 17 ? 8.881   8.480   9.500   1.00 54.51 ? 398  ARG A N   1 
ATOM   121 C  CA  . ARG A 1 17 ? 10.258  8.460   9.948   1.00 58.06 ? 398  ARG A CA  1 
ATOM   122 C  C   . ARG A 1 17 ? 11.236  8.232   8.788   1.00 58.06 ? 398  ARG A C   1 
ATOM   123 O  O   . ARG A 1 17 ? 12.089  7.340   8.867   1.00 60.21 ? 398  ARG A O   1 
ATOM   124 C  CB  . ARG A 1 17 ? 10.391  7.322   10.960  1.00 64.50 ? 398  ARG A CB  1 
ATOM   125 C  CG  . ARG A 1 17 ? 11.549  7.424   11.931  1.00 75.37 ? 398  ARG A CG  1 
ATOM   126 C  CD  . ARG A 1 17 ? 11.528  6.267   12.939  1.00 76.40 ? 398  ARG A CD  1 
ATOM   127 N  NE  . ARG A 1 17 ? 10.672  6.544   14.093  1.00 76.73 ? 398  ARG A NE  1 
ATOM   128 C  CZ  . ARG A 1 17 ? 9.356   6.348   14.115  1.00 76.34 ? 398  ARG A CZ  1 
ATOM   129 N  NH1 . ARG A 1 17 ? 8.660   6.626   15.206  1.00 77.88 ? 398  ARG A NH1 1 
ATOM   130 N  NH2 . ARG A 1 17 ? 8.732   5.878   13.048  1.00 73.63 ? 398  ARG A NH2 1 
ATOM   131 N  N   . SER A 1 18 ? 11.101  9.032   7.740   1.00 54.90 ? 399  SER A N   1 
ATOM   132 C  CA  . SER A 1 18 ? 11.945  8.961   6.556   1.00 50.92 ? 399  SER A CA  1 
ATOM   133 C  C   . SER A 1 18 ? 11.516  10.057  5.611   1.00 47.50 ? 399  SER A C   1 
ATOM   134 O  O   . SER A 1 18 ? 10.393  10.420  5.592   1.00 54.14 ? 399  SER A O   1 
ATOM   135 C  CB  . SER A 1 18 ? 11.765  7.595   5.897   1.00 47.48 ? 399  SER A CB  1 
ATOM   136 O  OG  . SER A 1 18 ? 12.731  7.346   4.923   1.00 45.03 ? 399  SER A OG  1 
ATOM   137 N  N   . LEU A 1 19 ? 12.374  10.601  4.801   1.00 43.51 ? 400  LEU A N   1 
ATOM   138 C  CA  . LEU A 1 19 ? 11.863  11.588  3.874   1.00 42.43 ? 400  LEU A CA  1 
ATOM   139 C  C   . LEU A 1 19 ? 11.620  10.944  2.526   1.00 39.73 ? 400  LEU A C   1 
ATOM   140 O  O   . LEU A 1 19 ? 10.837  11.373  1.716   1.00 38.03 ? 400  LEU A O   1 
ATOM   141 C  CB  . LEU A 1 19 ? 12.860  12.714  3.764   1.00 42.96 ? 400  LEU A CB  1 
ATOM   142 C  CG  . LEU A 1 19 ? 12.599  13.744  2.705   1.00 47.29 ? 400  LEU A CG  1 
ATOM   143 C  CD1 . LEU A 1 19 ? 11.393  14.537  3.054   1.00 49.37 ? 400  LEU A CD1 1 
ATOM   144 C  CD2 . LEU A 1 19 ? 13.790  14.611  2.629   1.00 48.88 ? 400  LEU A CD2 1 
ATOM   145 N  N   . THR A 1 20 ? 12.319  9.861   2.353   1.00 37.28 ? 401  THR A N   1 
ATOM   146 C  CA  . THR A 1 20 ? 12.401  9.076   1.137   1.00 33.94 ? 401  THR A CA  1 
ATOM   147 C  C   . THR A 1 20 ? 11.502  7.841   1.235   1.00 34.84 ? 401  THR A C   1 
ATOM   148 O  O   . THR A 1 20 ? 11.528  7.110   2.227   1.00 34.96 ? 401  THR A O   1 
ATOM   149 C  CB  . THR A 1 20 ? 13.853  8.663   0.851   1.00 33.52 ? 401  THR A CB  1 
ATOM   150 O  OG1 . THR A 1 20 ? 14.661  9.835   0.781   1.00 38.22 ? 401  THR A OG1 1 
ATOM   151 C  CG2 . THR A 1 20 ? 13.965  7.936   -0.476  1.00 31.11 ? 401  THR A CG2 1 
ATOM   152 N  N   . PRO A 1 21 ? 10.712  7.593   0.192   1.00 31.71 ? 402  PRO A N   1 
ATOM   153 C  CA  . PRO A 1 21 ? 9.835   6.425   0.182   1.00 31.12 ? 402  PRO A CA  1 
ATOM   154 C  C   . PRO A 1 21 ? 10.633  5.122   0.195   1.00 32.95 ? 402  PRO A C   1 
ATOM   155 O  O   . PRO A 1 21 ? 11.803  5.062   -0.228  1.00 31.20 ? 402  PRO A O   1 
ATOM   156 C  CB  . PRO A 1 21 ? 9.125   6.530   -1.166  1.00 31.94 ? 402  PRO A CB  1 
ATOM   157 C  CG  . PRO A 1 21 ? 9.712   7.704   -1.870  1.00 31.08 ? 402  PRO A CG  1 
ATOM   158 C  CD  . PRO A 1 21 ? 10.893  8.171   -1.144  1.00 32.31 ? 402  PRO A CD  1 
ATOM   159 N  N   . PHE A 1 22 ? 9.975   4.076   0.679   1.00 33.43 ? 403  PHE A N   1 
ATOM   160 C  CA  . PHE A 1 22 ? 10.490  2.721   0.628   1.00 31.09 ? 403  PHE A CA  1 
ATOM   161 C  C   . PHE A 1 22 ? 9.812   2.016   -0.522  1.00 30.35 ? 403  PHE A C   1 
ATOM   162 O  O   . PHE A 1 22 ? 8.678   2.321   -0.861  1.00 31.27 ? 403  PHE A O   1 
ATOM   163 C  CB  . PHE A 1 22 ? 10.079  1.969   1.883   1.00 31.06 ? 403  PHE A CB  1 
ATOM   164 C  CG  . PHE A 1 22 ? 10.722  2.457   3.125   1.00 31.87 ? 403  PHE A CG  1 
ATOM   165 C  CD1 . PHE A 1 22 ? 11.987  2.013   3.466   1.00 30.91 ? 403  PHE A CD1 1 
ATOM   166 C  CD2 . PHE A 1 22 ? 10.057  3.327   3.972   1.00 32.69 ? 403  PHE A CD2 1 
ATOM   167 C  CE1 . PHE A 1 22 ? 12.597  2.447   4.628   1.00 32.59 ? 403  PHE A CE1 1 
ATOM   168 C  CE2 . PHE A 1 22 ? 10.650  3.767   5.144   1.00 34.04 ? 403  PHE A CE2 1 
ATOM   169 C  CZ  . PHE A 1 22 ? 11.929  3.330   5.470   1.00 35.71 ? 403  PHE A CZ  1 
HETATM 170 N  N   . MSE A 1 23 ? 10.485  1.049   -1.109  1.00 29.32 ? 404  MSE A N   1 
HETATM 171 C  CA  . MSE A 1 23 ? 9.849   0.274   -2.133  1.00 29.40 ? 404  MSE A CA  1 
HETATM 172 C  C   . MSE A 1 23 ? 9.911   -1.193  -1.781  1.00 31.06 ? 404  MSE A C   1 
HETATM 173 O  O   . MSE A 1 23 ? 10.974  -1.729  -1.470  1.00 29.73 ? 404  MSE A O   1 
HETATM 174 C  CB  . MSE A 1 23 ? 10.516  0.498   -3.471  1.00 30.83 ? 404  MSE A CB  1 
HETATM 175 C  CG  . MSE A 1 23 ? 9.853   -0.331  -4.540  1.00 36.51 ? 404  MSE A CG  1 
HETATM 176 SE SE  . MSE A 1 23 ? 10.673  -0.170  -6.284  1.00 53.60 ? 404  MSE A SE  1 
HETATM 177 C  CE  . MSE A 1 23 ? 10.301  1.690   -6.611  1.00 38.99 ? 404  MSE A CE  1 
ATOM   178 N  N   . VAL A 1 24 ? 8.757   -1.839  -1.824  1.00 29.68 ? 405  VAL A N   1 
ATOM   179 C  CA  . VAL A 1 24 ? 8.669   -3.266  -1.574  1.00 30.69 ? 405  VAL A CA  1 
ATOM   180 C  C   . VAL A 1 24 ? 7.714   -3.883  -2.568  1.00 32.00 ? 405  VAL A C   1 
ATOM   181 O  O   . VAL A 1 24 ? 6.938   -3.184  -3.192  1.00 34.80 ? 405  VAL A O   1 
ATOM   182 C  CB  . VAL A 1 24 ? 8.159   -3.553  -0.161  1.00 31.83 ? 405  VAL A CB  1 
ATOM   183 C  CG1 . VAL A 1 24 ? 9.234   -3.274  0.854   1.00 37.42 ? 405  VAL A CG1 1 
ATOM   184 C  CG2 . VAL A 1 24 ? 6.936   -2.709  0.110   1.00 29.46 ? 405  VAL A CG2 1 
ATOM   185 N  N   . ASN A 1 25 ? 7.756   -5.197  -2.703  1.00 32.21 ? 406  ASN A N   1 
ATOM   186 C  CA  . ASN A 1 25 ? 6.861   -5.857  -3.622  1.00 33.37 ? 406  ASN A CA  1 
ATOM   187 C  C   . ASN A 1 25 ? 5.898   -6.756  -2.876  1.00 34.81 ? 406  ASN A C   1 
ATOM   188 O  O   . ASN A 1 25 ? 6.258   -7.329  -1.844  1.00 34.54 ? 406  ASN A O   1 
ATOM   189 C  CB  . ASN A 1 25 ? 7.660   -6.663  -4.635  1.00 33.12 ? 406  ASN A CB  1 
ATOM   190 C  CG  . ASN A 1 25 ? 8.551   -5.795  -5.491  1.00 34.57 ? 406  ASN A CG  1 
ATOM   191 O  OD1 . ASN A 1 25 ? 8.116   -5.236  -6.498  1.00 35.79 ? 406  ASN A OD1 1 
ATOM   192 N  ND2 . ASN A 1 25 ? 9.810   -5.694  -5.109  1.00 33.48 ? 406  ASN A ND2 1 
ATOM   193 N  N   . ILE A 1 26 ? 4.672   -6.867  -3.399  1.00 36.70 ? 407  ILE A N   1 
ATOM   194 C  CA  . ILE A 1 26 ? 3.686   -7.841  -2.909  1.00 35.44 ? 407  ILE A CA  1 
ATOM   195 C  C   . ILE A 1 26 ? 3.539   -8.971  -3.931  1.00 33.84 ? 407  ILE A C   1 
ATOM   196 O  O   . ILE A 1 26 ? 3.398   -8.722  -5.120  1.00 35.02 ? 407  ILE A O   1 
ATOM   197 C  CB  . ILE A 1 26 ? 2.325   -7.174  -2.547  1.00 33.11 ? 407  ILE A CB  1 
ATOM   198 C  CG1 . ILE A 1 26 ? 2.531   -6.213  -1.390  1.00 29.17 ? 407  ILE A CG1 1 
ATOM   199 C  CG2 . ILE A 1 26 ? 1.268   -8.215  -2.157  1.00 34.15 ? 407  ILE A CG2 1 
ATOM   200 C  CD1 . ILE A 1 26 ? 1.332   -5.425  -1.060  1.00 31.12 ? 407  ILE A CD1 1 
ATOM   201 N  N   . PRO A 1 27 ? 3.634   -10.217 -3.459  1.00 37.93 ? 408  PRO A N   1 
ATOM   202 C  CA  . PRO A 1 27 ? 3.616   -11.420 -4.292  1.00 39.38 ? 408  PRO A CA  1 
ATOM   203 C  C   . PRO A 1 27 ? 2.192   -11.775 -4.677  1.00 40.65 ? 408  PRO A C   1 
ATOM   204 O  O   . PRO A 1 27 ? 1.808   -12.946 -4.740  1.00 41.23 ? 408  PRO A O   1 
ATOM   205 C  CB  . PRO A 1 27 ? 4.187   -12.480 -3.352  1.00 40.00 ? 408  PRO A CB  1 
ATOM   206 C  CG  . PRO A 1 27 ? 3.778   -11.997 -1.979  1.00 38.91 ? 408  PRO A CG  1 
ATOM   207 C  CD  . PRO A 1 27 ? 3.997   -10.524 -2.062  1.00 39.30 ? 408  PRO A CD  1 
ATOM   208 N  N   . LYS A 1 28 ? 1.405   -10.741 -4.915  1.00 41.52 ? 409  LYS A N   1 
ATOM   209 C  CA  . LYS A 1 28 ? 0.018   -10.903 -5.308  1.00 41.86 ? 409  LYS A CA  1 
ATOM   210 C  C   . LYS A 1 28 ? -0.234  -10.032 -6.522  1.00 41.28 ? 409  LYS A C   1 
ATOM   211 O  O   . LYS A 1 28 ? 0.623   -9.250  -6.900  1.00 42.17 ? 409  LYS A O   1 
ATOM   212 C  CB  . LYS A 1 28 ? -0.896  -10.505 -4.162  1.00 41.46 ? 409  LYS A CB  1 
ATOM   213 C  CG  . LYS A 1 28 ? -1.532  -11.668 -3.478  1.00 40.80 ? 409  LYS A CG  1 
ATOM   214 C  CD  . LYS A 1 28 ? -1.037  -11.859 -2.088  1.00 41.04 ? 409  LYS A CD  1 
ATOM   215 C  CE  . LYS A 1 28 ? -2.176  -12.500 -1.304  1.00 48.90 ? 409  LYS A CE  1 
ATOM   216 N  NZ  . LYS A 1 28 ? -1.786  -12.940 0.069   1.00 55.29 ? 409  LYS A NZ  1 
ATOM   217 N  N   . ARG A 1 29 ? -1.390  -10.155 -7.145  1.00 45.89 ? 410  ARG A N   1 
ATOM   218 C  CA  . ARG A 1 29 ? -1.562  -9.507  -8.422  1.00 46.08 ? 410  ARG A CA  1 
ATOM   219 C  C   . ARG A 1 29 ? -1.843  -8.024  -8.262  1.00 48.16 ? 410  ARG A C   1 
ATOM   220 O  O   . ARG A 1 29 ? -1.100  -7.172  -8.751  1.00 48.53 ? 410  ARG A O   1 
ATOM   221 C  CB  . ARG A 1 29 ? -2.668  -10.182 -9.183  1.00 50.83 ? 410  ARG A CB  1 
ATOM   222 C  CG  . ARG A 1 29 ? -2.309  -10.431 -10.614 1.00 58.17 ? 410  ARG A CG  1 
ATOM   223 C  CD  . ARG A 1 29 ? -3.537  -10.923 -11.317 1.00 67.84 ? 410  ARG A CD  1 
ATOM   224 N  NE  . ARG A 1 29 ? -4.220  -11.922 -10.499 1.00 72.18 ? 410  ARG A NE  1 
ATOM   225 C  CZ  . ARG A 1 29 ? -5.506  -12.245 -10.606 1.00 75.85 ? 410  ARG A CZ  1 
ATOM   226 N  NH1 . ARG A 1 29 ? -6.289  -11.649 -11.501 1.00 74.61 ? 410  ARG A NH1 1 
ATOM   227 N  NH2 . ARG A 1 29 ? -6.009  -13.175 -9.805  1.00 73.28 ? 410  ARG A NH2 1 
ATOM   228 N  N   . LEU A 1 30 ? -2.931  -7.728  -7.574  1.00 44.53 ? 411  LEU A N   1 
ATOM   229 C  CA  . LEU A 1 30 ? -3.300  -6.360  -7.200  1.00 43.57 ? 411  LEU A CA  1 
ATOM   230 C  C   . LEU A 1 30 ? -4.759  -6.389  -6.870  1.00 43.12 ? 411  LEU A C   1 
ATOM   231 O  O   . LEU A 1 30 ? -5.152  -5.868  -5.840  1.00 42.74 ? 411  LEU A O   1 
ATOM   232 C  CB  . LEU A 1 30 ? -3.001  -5.309  -8.288  1.00 44.28 ? 411  LEU A CB  1 
ATOM   233 C  CG  . LEU A 1 30 ? -3.691  -3.917  -8.302  1.00 38.21 ? 411  LEU A CG  1 
ATOM   234 C  CD1 . LEU A 1 30 ? -3.490  -3.122  -7.028  1.00 31.38 ? 411  LEU A CD1 1 
ATOM   235 C  CD2 . LEU A 1 30 ? -3.271  -3.092  -9.521  1.00 31.41 ? 411  LEU A CD2 1 
ATOM   236 N  N   . GLU A 1 31 ? -5.562  -7.025  -7.717  1.00 40.98 ? 412  GLU A N   1 
ATOM   237 C  CA  . GLU A 1 31 ? -6.965  -7.193  -7.378  1.00 43.76 ? 412  GLU A CA  1 
ATOM   238 C  C   . GLU A 1 31 ? -7.063  -8.183  -6.248  1.00 46.96 ? 412  GLU A C   1 
ATOM   239 O  O   . GLU A 1 31 ? -8.157  -8.538  -5.807  1.00 50.84 ? 412  GLU A O   1 
ATOM   240 C  CB  . GLU A 1 31 ? -7.793  -7.645  -8.566  1.00 45.59 ? 412  GLU A CB  1 
ATOM   241 C  CG  . GLU A 1 31 ? -6.968  -8.322  -9.600  1.00 54.11 ? 412  GLU A CG  1 
ATOM   242 C  CD  . GLU A 1 31 ? -6.170  -7.319  -10.395 1.00 57.96 ? 412  GLU A CD  1 
ATOM   243 O  OE1 . GLU A 1 31 ? -6.787  -6.561  -11.168 1.00 62.86 ? 412  GLU A OE1 1 
ATOM   244 O  OE2 . GLU A 1 31 ? -4.933  -7.263  -10.245 1.00 56.28 ? 412  GLU A OE2 1 
ATOM   245 N  N   . GLU A 1 32 ? -5.907  -8.595  -5.752  1.00 44.33 ? 413  GLU A N   1 
ATOM   246 C  CA  . GLU A 1 32 ? -5.854  -9.566  -4.686  1.00 43.42 ? 413  GLU A CA  1 
ATOM   247 C  C   . GLU A 1 32 ? -5.185  -9.031  -3.442  1.00 43.06 ? 413  GLU A C   1 
ATOM   248 O  O   . GLU A 1 32 ? -5.209  -9.685  -2.395  1.00 41.00 ? 413  GLU A O   1 
ATOM   249 C  CB  . GLU A 1 32 ? -5.139  -10.814 -5.166  1.00 45.69 ? 413  GLU A CB  1 
ATOM   250 C  CG  . GLU A 1 32 ? -5.995  -11.622 -6.107  1.00 51.83 ? 413  GLU A CG  1 
ATOM   251 C  CD  . GLU A 1 32 ? -5.352  -12.946 -6.465  1.00 63.34 ? 413  GLU A CD  1 
ATOM   252 O  OE1 . GLU A 1 32 ? -4.153  -12.936 -6.811  1.00 62.48 ? 413  GLU A OE1 1 
ATOM   253 O  OE2 . GLU A 1 32 ? -6.034  -13.995 -6.415  1.00 69.83 ? 413  GLU A OE2 1 
ATOM   254 N  N   . VAL A 1 33 ? -4.580  -7.851  -3.545  1.00 41.06 ? 414  VAL A N   1 
ATOM   255 C  CA  . VAL A 1 33 ? -3.873  -7.329  -2.386  1.00 39.41 ? 414  VAL A CA  1 
ATOM   256 C  C   . VAL A 1 33 ? -4.869  -6.703  -1.403  1.00 38.10 ? 414  VAL A C   1 
ATOM   257 O  O   . VAL A 1 33 ? -5.788  -5.974  -1.799  1.00 35.14 ? 414  VAL A O   1 
ATOM   258 C  CB  . VAL A 1 33 ? -2.662  -6.399  -2.745  1.00 38.00 ? 414  VAL A CB  1 
ATOM   259 C  CG1 . VAL A 1 33 ? -2.085  -6.746  -4.100  1.00 36.79 ? 414  VAL A CG1 1 
ATOM   260 C  CG2 . VAL A 1 33 ? -3.053  -4.979  -2.735  1.00 37.24 ? 414  VAL A CG2 1 
ATOM   261 N  N   . THR A 1 34 ? -4.708  -7.044  -0.125  1.00 37.52 ? 415  THR A N   1 
ATOM   262 C  CA  . THR A 1 34 ? -5.547  -6.496  0.942   1.00 36.44 ? 415  THR A CA  1 
ATOM   263 C  C   . THR A 1 34 ? -4.696  -5.765  1.975   1.00 35.50 ? 415  THR A C   1 
ATOM   264 O  O   . THR A 1 34 ? -3.467  -5.855  1.982   1.00 37.11 ? 415  THR A O   1 
ATOM   265 C  CB  . THR A 1 34 ? -6.389  -7.591  1.668   1.00 36.72 ? 415  THR A CB  1 
ATOM   266 O  OG1 . THR A 1 34 ? -5.536  -8.439  2.440   1.00 37.27 ? 415  THR A OG1 1 
ATOM   267 C  CG2 . THR A 1 34 ? -7.130  -8.436  0.681   1.00 34.79 ? 415  THR A CG2 1 
ATOM   268 N  N   . LEU A 1 35 ? -5.337  -5.031  2.864   1.00 32.63 ? 416  LEU A N   1 
ATOM   269 C  CA  . LEU A 1 35 ? -4.547  -4.323  3.857   1.00 34.59 ? 416  LEU A CA  1 
ATOM   270 C  C   . LEU A 1 35 ? -3.703  -5.358  4.602   1.00 35.56 ? 416  LEU A C   1 
ATOM   271 O  O   . LEU A 1 35 ? -2.611  -5.069  5.085   1.00 35.21 ? 416  LEU A O   1 
ATOM   272 C  CB  . LEU A 1 35 ? -5.458  -3.531  4.799   1.00 32.72 ? 416  LEU A CB  1 
ATOM   273 C  CG  . LEU A 1 35 ? -4.770  -2.644  5.825   1.00 34.21 ? 416  LEU A CG  1 
ATOM   274 C  CD1 . LEU A 1 35 ? -4.137  -1.469  5.154   1.00 31.63 ? 416  LEU A CD1 1 
ATOM   275 C  CD2 . LEU A 1 35 ? -5.798  -2.187  6.836   1.00 35.31 ? 416  LEU A CD2 1 
ATOM   276 N  N   . LYS A 1 36 ? -4.214  -6.574  4.679   1.00 37.99 ? 417  LYS A N   1 
ATOM   277 C  CA  . LYS A 1 36 ? -3.504  -7.657  5.334   1.00 39.48 ? 417  LYS A CA  1 
ATOM   278 C  C   . LYS A 1 36 ? -2.107  -7.808  4.731   1.00 40.17 ? 417  LYS A C   1 
ATOM   279 O  O   . LYS A 1 36 ? -1.098  -7.807  5.445   1.00 41.20 ? 417  LYS A O   1 
ATOM   280 C  CB  . LYS A 1 36 ? -4.297  -8.959  5.159   1.00 42.13 ? 417  LYS A CB  1 
ATOM   281 C  CG  . LYS A 1 36 ? -4.344  -9.855  6.380   1.00 45.03 ? 417  LYS A CG  1 
ATOM   282 C  CD  . LYS A 1 36 ? -3.251  -9.479  7.348   1.00 46.43 ? 417  LYS A CD  1 
ATOM   283 C  CE  . LYS A 1 36 ? -2.664  -10.699 7.994   1.00 48.31 ? 417  LYS A CE  1 
ATOM   284 N  NZ  . LYS A 1 36 ? -1.190  -10.479 8.065   1.00 55.11 ? 417  LYS A NZ  1 
ATOM   285 N  N   . ASP A 1 37 ? -2.070  -7.928  3.406   1.00 35.95 ? 418  ASP A N   1 
ATOM   286 C  CA  . ASP A 1 37 ? -0.833  -8.135  2.651   1.00 33.30 ? 418  ASP A CA  1 
ATOM   287 C  C   . ASP A 1 37 ? 0.130   -6.941  2.707   1.00 36.64 ? 418  ASP A C   1 
ATOM   288 O  O   . ASP A 1 37 ? 1.348   -7.109  2.889   1.00 37.81 ? 418  ASP A O   1 
ATOM   289 C  CB  . ASP A 1 37 ? -1.148  -8.448  1.191   1.00 35.55 ? 418  ASP A CB  1 
ATOM   290 C  CG  . ASP A 1 37 ? -2.079  -9.637  1.027   1.00 37.89 ? 418  ASP A CG  1 
ATOM   291 O  OD1 . ASP A 1 37 ? -1.946  -10.648 1.752   1.00 37.62 ? 418  ASP A OD1 1 
ATOM   292 O  OD2 . ASP A 1 37 ? -2.938  -9.568  0.136   1.00 39.72 ? 418  ASP A OD2 1 
ATOM   293 N  N   . PHE A 1 38 ? -0.405  -5.734  2.524   1.00 37.42 ? 419  PHE A N   1 
ATOM   294 C  CA  . PHE A 1 38 ? 0.395   -4.516  2.636   1.00 34.02 ? 419  PHE A CA  1 
ATOM   295 C  C   . PHE A 1 38 ? 1.025   -4.476  4.030   1.00 35.84 ? 419  PHE A C   1 
ATOM   296 O  O   . PHE A 1 38 ? 2.214   -4.191  4.201   1.00 36.50 ? 419  PHE A O   1 
ATOM   297 C  CB  . PHE A 1 38 ? -0.503  -3.292  2.435   1.00 31.67 ? 419  PHE A CB  1 
ATOM   298 C  CG  . PHE A 1 38 ? 0.196   -1.970  2.660   1.00 32.77 ? 419  PHE A CG  1 
ATOM   299 C  CD1 . PHE A 1 38 ? 0.944   -1.373  1.651   1.00 32.70 ? 419  PHE A CD1 1 
ATOM   300 C  CD2 . PHE A 1 38 ? 0.105   -1.323  3.872   1.00 33.14 ? 419  PHE A CD2 1 
ATOM   301 C  CE1 . PHE A 1 38 ? 1.573   -0.161  1.853   1.00 31.43 ? 419  PHE A CE1 1 
ATOM   302 C  CE2 . PHE A 1 38 ? 0.742   -0.109  4.076   1.00 33.95 ? 419  PHE A CE2 1 
ATOM   303 C  CZ  . PHE A 1 38 ? 1.474   0.468   3.064   1.00 30.79 ? 419  PHE A CZ  1 
ATOM   304 N  N   . LYS A 1 39 ? 0.201   -4.760  5.030   1.00 36.81 ? 420  LYS A N   1 
ATOM   305 C  CA  . LYS A 1 39 ? 0.629   -4.719  6.409   1.00 36.63 ? 420  LYS A CA  1 
ATOM   306 C  C   . LYS A 1 39 ? 1.875   -5.564  6.566   1.00 39.16 ? 420  LYS A C   1 
ATOM   307 O  O   . LYS A 1 39 ? 2.880   -5.137  7.138   1.00 39.57 ? 420  LYS A O   1 
ATOM   308 C  CB  . LYS A 1 39 ? -0.483  -5.274  7.295   1.00 38.93 ? 420  LYS A CB  1 
ATOM   309 C  CG  . LYS A 1 39 ? -1.463  -4.229  7.805   1.00 40.24 ? 420  LYS A CG  1 
ATOM   310 C  CD  . LYS A 1 39 ? -2.412  -4.837  8.855   1.00 44.34 ? 420  LYS A CD  1 
ATOM   311 C  CE  . LYS A 1 39 ? -3.109  -3.770  9.738   1.00 44.15 ? 420  LYS A CE  1 
ATOM   312 N  NZ  . LYS A 1 39 ? -2.406  -3.453  11.022  1.00 42.24 ? 420  LYS A NZ  1 
ATOM   313 N  N   . ALA A 1 40 ? 1.789   -6.785  6.052   1.00 38.75 ? 421  ALA A N   1 
ATOM   314 C  CA  . ALA A 1 40 ? 2.869   -7.742  6.170   1.00 38.17 ? 421  ALA A CA  1 
ATOM   315 C  C   . ALA A 1 40 ? 4.088   -7.257  5.410   1.00 38.79 ? 421  ALA A C   1 
ATOM   316 O  O   . ALA A 1 40 ? 5.192   -7.231  5.945   1.00 41.43 ? 421  ALA A O   1 
ATOM   317 C  CB  . ALA A 1 40 ? 2.427   -9.095  5.653   1.00 37.07 ? 421  ALA A CB  1 
ATOM   318 N  N   . ALA A 1 41 ? 3.874   -6.866  4.159   1.00 37.45 ? 422  ALA A N   1 
ATOM   319 C  CA  . ALA A 1 41 ? 4.961   -6.421  3.308   1.00 34.24 ? 422  ALA A CA  1 
ATOM   320 C  C   . ALA A 1 41 ? 5.820   -5.317  3.947   1.00 36.71 ? 422  ALA A C   1 
ATOM   321 O  O   . ALA A 1 41 ? 7.041   -5.429  4.004   1.00 38.25 ? 422  ALA A O   1 
ATOM   322 C  CB  . ALA A 1 41 ? 4.419   -5.991  1.991   1.00 31.05 ? 422  ALA A CB  1 
ATOM   323 N  N   . ILE A 1 42 ? 5.188   -4.269  4.460   1.00 37.48 ? 423  ILE A N   1 
ATOM   324 C  CA  . ILE A 1 42 ? 5.936   -3.160  5.038   1.00 35.63 ? 423  ILE A CA  1 
ATOM   325 C  C   . ILE A 1 42 ? 6.453   -3.504  6.429   1.00 39.37 ? 423  ILE A C   1 
ATOM   326 O  O   . ILE A 1 42 ? 7.300   -2.796  6.979   1.00 41.11 ? 423  ILE A O   1 
ATOM   327 C  CB  . ILE A 1 42 ? 5.069   -1.907  5.115   1.00 34.89 ? 423  ILE A CB  1 
ATOM   328 C  CG1 . ILE A 1 42 ? 3.949   -2.086  6.135   1.00 36.70 ? 423  ILE A CG1 1 
ATOM   329 C  CG2 . ILE A 1 42 ? 4.478   -1.590  3.746   1.00 35.98 ? 423  ILE A CG2 1 
ATOM   330 C  CD1 . ILE A 1 42 ? 3.319   -0.785  6.545   1.00 35.32 ? 423  ILE A CD1 1 
ATOM   331 N  N   . ASP A 1 43 ? 5.919   -4.586  6.993   1.00 41.53 ? 424  ASP A N   1 
ATOM   332 C  CA  . ASP A 1 43 ? 6.357   -5.148  8.269   1.00 41.30 ? 424  ASP A CA  1 
ATOM   333 C  C   . ASP A 1 43 ? 6.741   -4.153  9.359   1.00 43.96 ? 424  ASP A C   1 
ATOM   334 O  O   . ASP A 1 43 ? 7.606   -4.446  10.170  1.00 48.59 ? 424  ASP A O   1 
ATOM   335 C  CB  . ASP A 1 43 ? 7.520   -6.119  8.054   1.00 44.60 ? 424  ASP A CB  1 
ATOM   336 C  CG  . ASP A 1 43 ? 7.503   -7.277  9.049   1.00 53.07 ? 424  ASP A CG  1 
ATOM   337 O  OD1 . ASP A 1 43 ? 6.719   -8.236  8.824   1.00 61.13 ? 424  ASP A OD1 1 
ATOM   338 O  OD2 . ASP A 1 43 ? 8.264   -7.235  10.047  1.00 49.07 ? 424  ASP A OD2 1 
ATOM   339 N  N   . ARG A 1 44 ? 6.109   -2.989  9.393   1.00 45.30 ? 425  ARG A N   1 
ATOM   340 C  CA  . ARG A 1 44 ? 6.321   -2.062  10.500  1.00 45.40 ? 425  ARG A CA  1 
ATOM   341 C  C   . ARG A 1 44 ? 5.360   -2.492  11.584  1.00 50.35 ? 425  ARG A C   1 
ATOM   342 O  O   . ARG A 1 44 ? 4.316   -3.059  11.279  1.00 54.79 ? 425  ARG A O   1 
ATOM   343 C  CB  . ARG A 1 44 ? 6.029   -0.622  10.084  1.00 43.85 ? 425  ARG A CB  1 
ATOM   344 C  CG  . ARG A 1 44 ? 6.647   -0.225  8.756   1.00 42.77 ? 425  ARG A CG  1 
ATOM   345 C  CD  . ARG A 1 44 ? 8.167   -0.143  8.852   1.00 45.76 ? 425  ARG A CD  1 
ATOM   346 N  NE  . ARG A 1 44 ? 8.811   -0.105  7.535   1.00 44.25 ? 425  ARG A NE  1 
ATOM   347 C  CZ  . ARG A 1 44 ? 10.095  0.185   7.354   1.00 40.41 ? 425  ARG A CZ  1 
ATOM   348 N  NH1 . ARG A 1 44 ? 10.860  0.467   8.396   1.00 41.84 ? 425  ARG A NH1 1 
ATOM   349 N  NH2 . ARG A 1 44 ? 10.613  0.195   6.139   1.00 38.36 ? 425  ARG A NH2 1 
ATOM   350 N  N   . GLU A 1 45 ? 5.699   -2.248  12.844  1.00 52.04 ? 426  GLU A N   1 
ATOM   351 C  CA  . GLU A 1 45 ? 4.871   -2.758  13.933  1.00 57.30 ? 426  GLU A CA  1 
ATOM   352 C  C   . GLU A 1 45 ? 4.473   -1.664  14.928  1.00 60.40 ? 426  GLU A C   1 
ATOM   353 O  O   . GLU A 1 45 ? 5.189   -0.672  15.103  1.00 59.11 ? 426  GLU A O   1 
ATOM   354 C  CB  . GLU A 1 45 ? 5.570   -3.931  14.628  1.00 68.17 ? 426  GLU A CB  1 
ATOM   355 C  CG  . GLU A 1 45 ? 4.709   -5.203  14.734  1.00 73.47 ? 426  GLU A CG  1 
ATOM   356 C  CD  . GLU A 1 45 ? 5.542   -6.497  14.746  1.00 81.52 ? 426  GLU A CD  1 
ATOM   357 O  OE1 . GLU A 1 45 ? 4.945   -7.598  14.820  1.00 81.87 ? 426  GLU A OE1 1 
ATOM   358 O  OE2 . GLU A 1 45 ? 6.792   -6.415  14.677  1.00 79.05 ? 426  GLU A OE2 1 
ATOM   359 N  N   . GLY A 1 46 ? 3.322   -1.850  15.573  1.00 59.72 ? 427  GLY A N   1 
ATOM   360 C  CA  . GLY A 1 46 ? 2.722   -0.805  16.387  1.00 54.68 ? 427  GLY A CA  1 
ATOM   361 C  C   . GLY A 1 46 ? 1.382   -0.381  15.821  1.00 51.66 ? 427  GLY A C   1 
ATOM   362 O  O   . GLY A 1 46 ? 0.721   -1.148  15.105  1.00 48.06 ? 427  GLY A O   1 
ATOM   363 N  N   . ASN A 1 47 ? 0.981   0.848   16.129  1.00 54.98 ? 428  ASN A N   1 
ATOM   364 C  CA  . ASN A 1 47 ? -0.276  1.373   15.610  1.00 53.14 ? 428  ASN A CA  1 
ATOM   365 C  C   . ASN A 1 47 ? -0.068  2.445   14.569  1.00 50.24 ? 428  ASN A C   1 
ATOM   366 O  O   . ASN A 1 47 ? 0.505   3.495   14.843  1.00 51.33 ? 428  ASN A O   1 
ATOM   367 C  CB  . ASN A 1 47 ? -1.169  1.873   16.740  1.00 55.25 ? 428  ASN A CB  1 
ATOM   368 C  CG  . ASN A 1 47 ? -1.713  0.736   17.581  1.00 62.72 ? 428  ASN A CG  1 
ATOM   369 O  OD1 . ASN A 1 47 ? -2.228  -0.263  17.051  1.00 60.39 ? 428  ASN A OD1 1 
ATOM   370 N  ND2 . ASN A 1 47 ? -1.591  0.869   18.898  1.00 64.12 ? 428  ASN A ND2 1 
ATOM   371 N  N   . HIS A 1 48 ? -0.542  2.153   13.365  1.00 48.18 ? 429  HIS A N   1 
ATOM   372 C  CA  . HIS A 1 48 ? -0.340  3.027   12.229  1.00 45.34 ? 429  HIS A CA  1 
ATOM   373 C  C   . HIS A 1 48 ? -1.637  3.277   11.533  1.00 43.87 ? 429  HIS A C   1 
ATOM   374 O  O   . HIS A 1 48 ? -2.579  2.482   11.620  1.00 42.07 ? 429  HIS A O   1 
ATOM   375 C  CB  . HIS A 1 48 ? 0.618   2.388   11.233  1.00 45.08 ? 429  HIS A CB  1 
ATOM   376 C  CG  . HIS A 1 48 ? 1.932   1.996   11.835  1.00 47.07 ? 429  HIS A CG  1 
ATOM   377 N  ND1 . HIS A 1 48 ? 2.220   0.706   12.206  1.00 47.57 ? 429  HIS A ND1 1 
ATOM   378 C  CD2 . HIS A 1 48 ? 3.018   2.739   12.151  1.00 49.70 ? 429  HIS A CD2 1 
ATOM   379 C  CE1 . HIS A 1 48 ? 3.439   0.664   12.723  1.00 49.82 ? 429  HIS A CE1 1 
ATOM   380 N  NE2 . HIS A 1 48 ? 3.944   1.879   12.701  1.00 48.30 ? 429  HIS A NE2 1 
ATOM   381 N  N   . ARG A 1 49 ? -1.667  4.398   10.828  1.00 44.80 ? 430  ARG A N   1 
ATOM   382 C  CA  . ARG A 1 49 ? -2.749  4.708   9.919   1.00 39.35 ? 430  ARG A CA  1 
ATOM   383 C  C   . ARG A 1 49 ? -2.227  4.533   8.495   1.00 37.34 ? 430  ARG A C   1 
ATOM   384 O  O   . ARG A 1 49 ? -1.056  4.779   8.214   1.00 35.47 ? 430  ARG A O   1 
ATOM   385 C  CB  . ARG A 1 49 ? -3.253  6.123   10.160  1.00 39.36 ? 430  ARG A CB  1 
ATOM   386 C  CG  . ARG A 1 49 ? -3.750  6.360   11.575  1.00 43.80 ? 430  ARG A CG  1 
ATOM   387 C  CD  . ARG A 1 49 ? -4.105  7.827   11.799  1.00 45.86 ? 430  ARG A CD  1 
ATOM   388 N  NE  . ARG A 1 49 ? -5.126  8.264   10.845  1.00 46.12 ? 430  ARG A NE  1 
ATOM   389 C  CZ  . ARG A 1 49 ? -5.585  9.507   10.737  1.00 41.05 ? 430  ARG A CZ  1 
ATOM   390 N  NH1 . ARG A 1 49 ? -5.131  10.469  11.521  1.00 42.56 ? 430  ARG A NH1 1 
ATOM   391 N  NH2 . ARG A 1 49 ? -6.504  9.788   9.835   1.00 38.72 ? 430  ARG A NH2 1 
ATOM   392 N  N   . TYR A 1 50 ? -3.119  4.103   7.610   1.00 37.22 ? 431  TYR A N   1 
ATOM   393 C  CA  . TYR A 1 50 ? -2.786  3.750   6.240   1.00 32.88 ? 431  TYR A CA  1 
ATOM   394 C  C   . TYR A 1 50 ? -3.639  4.513   5.217   1.00 33.38 ? 431  TYR A C   1 
ATOM   395 O  O   . TYR A 1 50 ? -4.870  4.401   5.189   1.00 34.35 ? 431  TYR A O   1 
ATOM   396 C  CB  . TYR A 1 50 ? -2.943  2.237   6.055   1.00 33.41 ? 431  TYR A CB  1 
ATOM   397 C  CG  . TYR A 1 50 ? -2.297  1.457   7.170   1.00 36.28 ? 431  TYR A CG  1 
ATOM   398 C  CD1 . TYR A 1 50 ? -3.031  1.028   8.264   1.00 37.95 ? 431  TYR A CD1 1 
ATOM   399 C  CD2 . TYR A 1 50 ? -0.941  1.199   7.153   1.00 38.19 ? 431  TYR A CD2 1 
ATOM   400 C  CE1 . TYR A 1 50 ? -2.439  0.346   9.291   1.00 39.18 ? 431  TYR A CE1 1 
ATOM   401 C  CE2 . TYR A 1 50 ? -0.338  0.520   8.174   1.00 40.36 ? 431  TYR A CE2 1 
ATOM   402 C  CZ  . TYR A 1 50 ? -1.091  0.091   9.241   1.00 42.64 ? 431  TYR A CZ  1 
ATOM   403 O  OH  . TYR A 1 50 ? -0.479  -0.591  10.268  1.00 48.72 ? 431  TYR A OH  1 
ATOM   404 N  N   . HIS A 1 51 ? -2.953  5.291   4.383   1.00 32.88 ? 432  HIS A N   1 
ATOM   405 C  CA  . HIS A 1 51 ? -3.552  6.112   3.346   1.00 29.81 ? 432  HIS A CA  1 
ATOM   406 C  C   . HIS A 1 51 ? -2.977  5.703   1.995   1.00 28.40 ? 432  HIS A C   1 
ATOM   407 O  O   . HIS A 1 51 ? -1.769  5.511   1.889   1.00 30.82 ? 432  HIS A O   1 
ATOM   408 C  CB  . HIS A 1 51 ? -3.216  7.565   3.641   1.00 28.17 ? 432  HIS A CB  1 
ATOM   409 C  CG  . HIS A 1 51 ? -3.814  8.061   4.909   1.00 30.75 ? 432  HIS A CG  1 
ATOM   410 N  ND1 . HIS A 1 51 ? -3.128  8.067   6.113   1.00 33.12 ? 432  HIS A ND1 1 
ATOM   411 C  CD2 . HIS A 1 51 ? -5.047  8.559   5.188   1.00 33.86 ? 432  HIS A CD2 1 
ATOM   412 C  CE1 . HIS A 1 51 ? -3.909  8.542   7.059   1.00 35.39 ? 432  HIS A CE1 1 
ATOM   413 N  NE2 . HIS A 1 51 ? -5.078  8.850   6.526   1.00 35.74 ? 432  HIS A NE2 1 
ATOM   414 N  N   . PHE A 1 52 ? -3.819  5.579   0.968   1.00 29.37 ? 433  PHE A N   1 
ATOM   415 C  CA  . PHE A 1 52 ? -3.380  5.064   -0.332  1.00 29.29 ? 433  PHE A CA  1 
ATOM   416 C  C   . PHE A 1 52 ? -3.797  5.924   -1.528  1.00 28.18 ? 433  PHE A C   1 
ATOM   417 O  O   . PHE A 1 52 ? -4.938  6.363   -1.608  1.00 31.67 ? 433  PHE A O   1 
ATOM   418 C  CB  . PHE A 1 52 ? -3.915  3.639   -0.520  1.00 29.27 ? 433  PHE A CB  1 
ATOM   419 C  CG  . PHE A 1 52 ? -3.506  2.692   0.571   1.00 29.71 ? 433  PHE A CG  1 
ATOM   420 C  CD1 . PHE A 1 52 ? -4.230  2.614   1.745   1.00 33.67 ? 433  PHE A CD1 1 
ATOM   421 C  CD2 . PHE A 1 52 ? -2.389  1.889   0.432   1.00 30.01 ? 433  PHE A CD2 1 
ATOM   422 C  CE1 . PHE A 1 52 ? -3.843  1.743   2.771   1.00 33.32 ? 433  PHE A CE1 1 
ATOM   423 C  CE2 . PHE A 1 52 ? -2.002  1.019   1.442   1.00 31.39 ? 433  PHE A CE2 1 
ATOM   424 C  CZ  . PHE A 1 52 ? -2.730  0.943   2.612   1.00 31.88 ? 433  PHE A CZ  1 
ATOM   425 N  N   . LYS A 1 53 ? -2.886  6.125   -2.477  1.00 25.42 ? 434  LYS A N   1 
ATOM   426 C  CA  . LYS A 1 53 ? -3.204  6.848   -3.717  1.00 25.87 ? 434  LYS A CA  1 
ATOM   427 C  C   . LYS A 1 53 ? -4.399  6.211   -4.423  1.00 29.59 ? 434  LYS A C   1 
ATOM   428 O  O   . LYS A 1 53 ? -4.314  5.069   -4.866  1.00 32.10 ? 434  LYS A O   1 
ATOM   429 C  CB  . LYS A 1 53 ? -2.006  6.801   -4.650  1.00 26.74 ? 434  LYS A CB  1 
ATOM   430 C  CG  . LYS A 1 53 ? -1.961  7.817   -5.756  1.00 27.75 ? 434  LYS A CG  1 
ATOM   431 C  CD  . LYS A 1 53 ? -0.510  8.022   -6.185  1.00 30.30 ? 434  LYS A CD  1 
ATOM   432 C  CE  . LYS A 1 53 ? -0.303  8.888   -7.442  1.00 38.43 ? 434  LYS A CE  1 
ATOM   433 N  NZ  . LYS A 1 53 ? -0.672  8.182   -8.719  1.00 43.39 ? 434  LYS A NZ  1 
ATOM   434 N  N   . ALA A 1 54 ? -5.511  6.935   -4.533  1.00 29.70 ? 435  ALA A N   1 
ATOM   435 C  CA  . ALA A 1 54 ? -6.702  6.411   -5.193  1.00 28.36 ? 435  ALA A CA  1 
ATOM   436 C  C   . ALA A 1 54 ? -7.294  7.460   -6.098  1.00 30.10 ? 435  ALA A C   1 
ATOM   437 O  O   . ALA A 1 54 ? -7.070  8.644   -5.891  1.00 31.04 ? 435  ALA A O   1 
ATOM   438 C  CB  . ALA A 1 54 ? -7.724  5.972   -4.168  1.00 27.07 ? 435  ALA A CB  1 
ATOM   439 N  N   . MET A 1 55 ? -8.066  7.032   -7.086  1.00 31.77 ? 436  MET A N   1 
ATOM   440 C  CA  . MET A 1 55 ? -8.877  7.975   -7.822  1.00 32.90 ? 436  MET A CA  1 
ATOM   441 C  C   . MET A 1 55 ? -10.338 7.789   -7.517  1.00 34.11 ? 436  MET A C   1 
ATOM   442 O  O   . MET A 1 55 ? -10.907 6.734   -7.730  1.00 38.51 ? 436  MET A O   1 
ATOM   443 C  CB  . MET A 1 55 ? -8.615  7.915   -9.330  1.00 35.65 ? 436  MET A CB  1 
ATOM   444 C  CG  . MET A 1 55 ? -7.790  9.111   -9.856  1.00 36.66 ? 436  MET A CG  1 
ATOM   445 S  SD  . MET A 1 55 ? -6.779  8.705   -11.339 1.00 48.99 ? 436  MET A SD  1 
ATOM   446 C  CE  . MET A 1 55 ? -7.235  10.116  -12.378 1.00 38.09 ? 436  MET A CE  1 
ATOM   447 N  N   . ASP A 1 56 ? -10.921 8.845   -6.984  1.00 32.81 ? 437  ASP A N   1 
ATOM   448 C  CA  . ASP A 1 56 ? -12.333 8.929   -6.726  1.00 33.39 ? 437  ASP A CA  1 
ATOM   449 C  C   . ASP A 1 56 ? -12.915 9.806   -7.827  1.00 34.61 ? 437  ASP A C   1 
ATOM   450 O  O   . ASP A 1 56 ? -12.368 10.864  -8.145  1.00 36.05 ? 437  ASP A O   1 
ATOM   451 C  CB  . ASP A 1 56 ? -12.545 9.593   -5.371  1.00 34.44 ? 437  ASP A CB  1 
ATOM   452 C  CG  . ASP A 1 56 ? -14.009 9.620   -4.946  1.00 38.26 ? 437  ASP A CG  1 
ATOM   453 O  OD1 . ASP A 1 56 ? -14.484 8.581   -4.441  1.00 38.00 ? 437  ASP A OD1 1 
ATOM   454 O  OD2 . ASP A 1 56 ? -14.669 10.683  -5.087  1.00 36.80 ? 437  ASP A OD2 1 
ATOM   455 N  N   . PRO A 1 57 ? -14.025 9.367   -8.430  1.00 33.79 ? 438  PRO A N   1 
ATOM   456 C  CA  . PRO A 1 57 ? -14.640 10.058  -9.557  1.00 32.08 ? 438  PRO A CA  1 
ATOM   457 C  C   . PRO A 1 57 ? -15.128 11.419  -9.165  1.00 34.82 ? 438  PRO A C   1 
ATOM   458 O  O   . PRO A 1 57 ? -15.421 12.214  -10.044 1.00 36.42 ? 438  PRO A O   1 
ATOM   459 C  CB  . PRO A 1 57 ? -15.841 9.163   -9.897  1.00 33.25 ? 438  PRO A CB  1 
ATOM   460 C  CG  . PRO A 1 57 ? -16.126 8.434   -8.610  1.00 33.88 ? 438  PRO A CG  1 
ATOM   461 C  CD  . PRO A 1 57 ? -14.742 8.118   -8.146  1.00 35.19 ? 438  PRO A CD  1 
ATOM   462 N  N   . GLU A 1 58 ? -15.196 11.705  -7.874  1.00 37.16 ? 439  GLU A N   1 
ATOM   463 C  CA  . GLU A 1 58 ? -15.723 12.992  -7.436  1.00 36.42 ? 439  GLU A CA  1 
ATOM   464 C  C   . GLU A 1 58 ? -14.658 13.944  -6.945  1.00 36.08 ? 439  GLU A C   1 
ATOM   465 O  O   . GLU A 1 58 ? -14.706 15.132  -7.241  1.00 38.97 ? 439  GLU A O   1 
ATOM   466 C  CB  . GLU A 1 58 ? -16.755 12.788  -6.341  1.00 36.87 ? 439  GLU A CB  1 
ATOM   467 C  CG  . GLU A 1 58 ? -17.959 12.003  -6.801  1.00 41.12 ? 439  GLU A CG  1 
ATOM   468 C  CD  . GLU A 1 58 ? -18.919 11.720  -5.672  1.00 45.97 ? 439  GLU A CD  1 
ATOM   469 O  OE1 . GLU A 1 58 ? -18.459 11.275  -4.601  1.00 43.90 ? 439  GLU A OE1 1 
ATOM   470 O  OE2 . GLU A 1 58 ? -20.132 11.941  -5.850  1.00 48.21 ? 439  GLU A OE2 1 
ATOM   471 N  N   . PHE A 1 59 ? -13.706 13.426  -6.181  1.00 34.00 ? 440  PHE A N   1 
ATOM   472 C  CA  . PHE A 1 59 ? -12.695 14.279  -5.588  1.00 31.32 ? 440  PHE A CA  1 
ATOM   473 C  C   . PHE A 1 59 ? -11.399 14.249  -6.354  1.00 32.48 ? 440  PHE A C   1 
ATOM   474 O  O   . PHE A 1 59 ? -10.480 14.991  -6.027  1.00 35.00 ? 440  PHE A O   1 
ATOM   475 C  CB  . PHE A 1 59 ? -12.429 13.867  -4.147  1.00 33.52 ? 440  PHE A CB  1 
ATOM   476 C  CG  . PHE A 1 59 ? -13.603 14.042  -3.247  1.00 34.65 ? 440  PHE A CG  1 
ATOM   477 C  CD1 . PHE A 1 59 ? -14.429 15.127  -3.386  1.00 35.98 ? 440  PHE A CD1 1 
ATOM   478 C  CD2 . PHE A 1 59 ? -13.868 13.145  -2.247  1.00 34.12 ? 440  PHE A CD2 1 
ATOM   479 C  CE1 . PHE A 1 59 ? -15.507 15.290  -2.553  1.00 35.21 ? 440  PHE A CE1 1 
ATOM   480 C  CE2 . PHE A 1 59 ? -14.944 13.308  -1.419  1.00 35.61 ? 440  PHE A CE2 1 
ATOM   481 C  CZ  . PHE A 1 59 ? -15.763 14.380  -1.567  1.00 32.43 ? 440  PHE A CZ  1 
ATOM   482 N  N   . GLY A 1 60 ? -11.304 13.389  -7.355  1.00 29.87 ? 441  GLY A N   1 
ATOM   483 C  CA  . GLY A 1 60 ? -10.065 13.292  -8.096  1.00 31.84 ? 441  GLY A CA  1 
ATOM   484 C  C   . GLY A 1 60 ? -9.063  12.369  -7.436  1.00 32.32 ? 441  GLY A C   1 
ATOM   485 O  O   . GLY A 1 60 ? -9.440  11.340  -6.909  1.00 35.07 ? 441  GLY A O   1 
ATOM   486 N  N   . THR A 1 61 ? -7.784  12.716  -7.475  1.00 30.20 ? 442  THR A N   1 
ATOM   487 C  CA  . THR A 1 61 ? -6.756  11.934  -6.799  1.00 27.79 ? 442  THR A CA  1 
ATOM   488 C  C   . THR A 1 61 ? -6.746  12.322  -5.327  1.00 32.20 ? 442  THR A C   1 
ATOM   489 O  O   . THR A 1 61 ? -6.665  13.516  -4.996  1.00 31.65 ? 442  THR A O   1 
ATOM   490 C  CB  . THR A 1 61 ? -5.356  12.248  -7.349  1.00 27.83 ? 442  THR A CB  1 
ATOM   491 O  OG1 . THR A 1 61 ? -5.268  11.890  -8.729  1.00 31.71 ? 442  THR A OG1 1 
ATOM   492 C  CG2 . THR A 1 61 ? -4.310  11.477  -6.609  1.00 27.98 ? 442  THR A CG2 1 
ATOM   493 N  N   . VAL A 1 62 ? -6.815  11.326  -4.442  1.00 30.90 ? 443  VAL A N   1 
ATOM   494 C  CA  . VAL A 1 62 ? -6.837  11.577  -3.003  1.00 30.23 ? 443  VAL A CA  1 
ATOM   495 C  C   . VAL A 1 62 ? -5.959  10.550  -2.294  1.00 31.05 ? 443  VAL A C   1 
ATOM   496 O  O   . VAL A 1 62 ? -5.617  9.533   -2.882  1.00 31.00 ? 443  VAL A O   1 
ATOM   497 C  CB  . VAL A 1 62 ? -8.246  11.387  -2.460  1.00 30.48 ? 443  VAL A CB  1 
ATOM   498 C  CG1 . VAL A 1 62 ? -9.198  12.398  -3.073  1.00 27.66 ? 443  VAL A CG1 1 
ATOM   499 C  CG2 . VAL A 1 62 ? -8.704  9.944   -2.719  1.00 30.85 ? 443  VAL A CG2 1 
ATOM   500 N  N   . LYS A 1 63 ? -5.587  10.810  -1.038  1.00 31.64 ? 444  LYS A N   1 
ATOM   501 C  CA  . LYS A 1 63 ? -4.999  9.770   -0.177  1.00 28.15 ? 444  LYS A CA  1 
ATOM   502 C  C   . LYS A 1 63 ? -6.093  9.148   0.697   1.00 29.22 ? 444  LYS A C   1 
ATOM   503 O  O   . LYS A 1 63 ? -6.441  9.715   1.738   1.00 30.28 ? 444  LYS A O   1 
ATOM   504 C  CB  . LYS A 1 63 ? -3.897  10.351  0.719   1.00 28.33 ? 444  LYS A CB  1 
ATOM   505 C  CG  . LYS A 1 63 ? -2.940  11.282  -0.013  1.00 31.45 ? 444  LYS A CG  1 
ATOM   506 C  CD  . LYS A 1 63 ? -1.581  11.432  0.649   1.00 28.17 ? 444  LYS A CD  1 
ATOM   507 C  CE  . LYS A 1 63 ? -1.589  12.393  1.806   1.00 29.92 ? 444  LYS A CE  1 
ATOM   508 N  NZ  . LYS A 1 63 ? -0.236  12.433  2.474   1.00 35.25 ? 444  LYS A NZ  1 
ATOM   509 N  N   . GLU A 1 64 ? -6.634  7.995   0.296   1.00 28.79 ? 445  GLU A N   1 
ATOM   510 C  CA  . GLU A 1 64 ? -7.815  7.453   0.978   1.00 29.70 ? 445  GLU A CA  1 
ATOM   511 C  C   . GLU A 1 64 ? -7.514  6.460   2.085   1.00 30.67 ? 445  GLU A C   1 
ATOM   512 O  O   . GLU A 1 64 ? -6.952  5.407   1.850   1.00 32.20 ? 445  GLU A O   1 
ATOM   513 C  CB  . GLU A 1 64 ? -8.829  6.886   -0.018  1.00 30.93 ? 445  GLU A CB  1 
ATOM   514 C  CG  . GLU A 1 64 ? -8.758  5.424   -0.229  1.00 33.49 ? 445  GLU A CG  1 
ATOM   515 C  CD  . GLU A 1 64 ? -10.077 4.836   -0.723  1.00 39.91 ? 445  GLU A CD  1 
ATOM   516 O  OE1 . GLU A 1 64 ? -11.152 5.221   -0.202  1.00 39.73 ? 445  GLU A OE1 1 
ATOM   517 O  OE2 . GLU A 1 64 ? -10.036 3.956   -1.621  1.00 44.51 ? 445  GLU A OE2 1 
ATOM   518 N  N   . GLU A 1 65 ? -7.891  6.804   3.307   1.00 34.33 ? 446  GLU A N   1 
ATOM   519 C  CA  . GLU A 1 65 ? -7.529  5.964   4.437   1.00 33.42 ? 446  GLU A CA  1 
ATOM   520 C  C   . GLU A 1 65 ? -8.194  4.601   4.385   1.00 33.63 ? 446  GLU A C   1 
ATOM   521 O  O   . GLU A 1 65 ? -9.349  4.474   4.012   1.00 33.84 ? 446  GLU A O   1 
ATOM   522 C  CB  . GLU A 1 65 ? -7.854  6.641   5.766   1.00 33.45 ? 446  GLU A CB  1 
ATOM   523 C  CG  . GLU A 1 65 ? -7.516  5.743   6.948   1.00 36.00 ? 446  GLU A CG  1 
ATOM   524 C  CD  . GLU A 1 65 ? -7.148  6.519   8.175   1.00 39.58 ? 446  GLU A CD  1 
ATOM   525 O  OE1 . GLU A 1 65 ? -7.538  7.704   8.232   1.00 40.85 ? 446  GLU A OE1 1 
ATOM   526 O  OE2 . GLU A 1 65 ? -6.468  5.956   9.067   1.00 40.14 ? 446  GLU A OE2 1 
ATOM   527 N  N   . ILE A 1 66 ? -7.460  3.568   4.764   1.00 35.71 ? 447  ILE A N   1 
ATOM   528 C  CA  . ILE A 1 66 ? -8.059  2.248   4.850   1.00 33.75 ? 447  ILE A CA  1 
ATOM   529 C  C   . ILE A 1 66 ? -7.701  1.676   6.221   1.00 32.56 ? 447  ILE A C   1 
ATOM   530 O  O   . ILE A 1 66 ? -6.646  1.994   6.765   1.00 33.07 ? 447  ILE A O   1 
ATOM   531 C  CB  . ILE A 1 66 ? -7.653  1.386   3.646   1.00 33.65 ? 447  ILE A CB  1 
ATOM   532 C  CG1 . ILE A 1 66 ? -8.085  2.093   2.367   1.00 32.71 ? 447  ILE A CG1 1 
ATOM   533 C  CG2 . ILE A 1 66 ? -8.313  0.026   3.691   1.00 36.57 ? 447  ILE A CG2 1 
ATOM   534 C  CD1 . ILE A 1 66 ? -7.924  1.270   1.120   1.00 33.55 ? 447  ILE A CD1 1 
ATOM   535 N  N   . PHE A 1 67 ? -8.609  0.903   6.810   1.00 33.50 ? 448  PHE A N   1 
ATOM   536 C  CA  . PHE A 1 67 ? -8.492  0.498   8.211   1.00 35.15 ? 448  PHE A CA  1 
ATOM   537 C  C   . PHE A 1 67 ? -8.428  -1.018  8.447   1.00 36.82 ? 448  PHE A C   1 
ATOM   538 O  O   . PHE A 1 67 ? -7.755  -1.505  9.376   1.00 36.67 ? 448  PHE A O   1 
ATOM   539 C  CB  . PHE A 1 67 ? -9.696  1.002   8.994   1.00 37.83 ? 448  PHE A CB  1 
ATOM   540 C  CG  . PHE A 1 67 ? -9.772  2.473   9.120   1.00 38.19 ? 448  PHE A CG  1 
ATOM   541 C  CD1 . PHE A 1 67 ? -9.367  3.110   10.283  1.00 40.23 ? 448  PHE A CD1 1 
ATOM   542 C  CD2 . PHE A 1 67 ? -10.294 3.225   8.095   1.00 40.80 ? 448  PHE A CD2 1 
ATOM   543 C  CE1 . PHE A 1 67 ? -9.468  4.490   10.406  1.00 41.89 ? 448  PHE A CE1 1 
ATOM   544 C  CE2 . PHE A 1 67 ? -10.385 4.594   8.205   1.00 39.87 ? 448  PHE A CE2 1 
ATOM   545 C  CZ  . PHE A 1 67 ? -9.972  5.226   9.359   1.00 41.59 ? 448  PHE A CZ  1 
ATOM   546 N  N   . HIS A 1 68 ? -9.174  -1.760  7.639   1.00 36.27 ? 449  HIS A N   1 
ATOM   547 C  CA  . HIS A 1 68 ? -9.382  -3.173  7.911   1.00 36.52 ? 449  HIS A CA  1 
ATOM   548 C  C   . HIS A 1 68 ? -8.491  -4.116  7.107   1.00 38.27 ? 449  HIS A C   1 
ATOM   549 O  O   . HIS A 1 68 ? -8.321  -3.955  5.896   1.00 35.47 ? 449  HIS A O   1 
ATOM   550 C  CB  . HIS A 1 68 ? -10.853 -3.519  7.743   1.00 37.30 ? 449  HIS A CB  1 
ATOM   551 C  CG  . HIS A 1 68 ? -11.733 -2.844  8.741   1.00 36.81 ? 449  HIS A CG  1 
ATOM   552 N  ND1 . HIS A 1 68 ? -11.730 -3.183  10.082  1.00 36.57 ? 449  HIS A ND1 1 
ATOM   553 C  CD2 . HIS A 1 68 ? -12.635 -1.846  8.614   1.00 37.19 ? 449  HIS A CD2 1 
ATOM   554 C  CE1 . HIS A 1 68 ? -12.591 -2.426  10.729  1.00 37.18 ? 449  HIS A CE1 1 
ATOM   555 N  NE2 . HIS A 1 68 ? -13.157 -1.601  9.852   1.00 37.62 ? 449  HIS A NE2 1 
ATOM   556 N  N   . ASP A 1 69 ? -7.926  -5.096  7.814   1.00 40.79 ? 450  ASP A N   1 
ATOM   557 C  CA  . ASP A 1 69 ? -6.958  -6.028  7.250   1.00 39.34 ? 450  ASP A CA  1 
ATOM   558 C  C   . ASP A 1 69 ? -7.495  -6.629  5.970   1.00 37.76 ? 450  ASP A C   1 
ATOM   559 O  O   . ASP A 1 69 ? -6.753  -6.969  5.053   1.00 39.38 ? 450  ASP A O   1 
ATOM   560 C  CB  . ASP A 1 69 ? -6.669  -7.150  8.244   1.00 40.52 ? 450  ASP A CB  1 
ATOM   561 C  CG  . ASP A 1 69 ? -5.611  -6.778  9.256   1.00 42.96 ? 450  ASP A CG  1 
ATOM   562 O  OD1 . ASP A 1 69 ? -5.409  -5.571  9.480   1.00 42.33 ? 450  ASP A OD1 1 
ATOM   563 O  OD2 . ASP A 1 69 ? -4.976  -7.696  9.828   1.00 46.83 ? 450  ASP A OD2 1 
ATOM   564 N  N   . ASP A 1 70 ? -8.806  -6.740  5.910   1.00 38.48 ? 451  ASP A N   1 
ATOM   565 C  CA  . ASP A 1 70 ? -9.440  -7.513  4.870   1.00 39.34 ? 451  ASP A CA  1 
ATOM   566 C  C   . ASP A 1 70 ? -9.873  -6.652  3.685   1.00 38.36 ? 451  ASP A C   1 
ATOM   567 O  O   . ASP A 1 70 ? -10.275 -7.165  2.649   1.00 40.15 ? 451  ASP A O   1 
ATOM   568 C  CB  . ASP A 1 70 ? -10.627 -8.256  5.477   1.00 45.45 ? 451  ASP A CB  1 
ATOM   569 C  CG  . ASP A 1 70 ? -10.937 -9.543  4.751   1.00 54.73 ? 451  ASP A CG  1 
ATOM   570 O  OD1 . ASP A 1 70 ? -10.012 -10.129 4.132   1.00 52.48 ? 451  ASP A OD1 1 
ATOM   571 O  OD2 . ASP A 1 70 ? -12.117 -9.967  4.801   1.00 60.60 ? 451  ASP A OD2 1 
ATOM   572 N  N   . ASP A 1 71 ? -9.783  -5.339  3.836   1.00 37.01 ? 452  ASP A N   1 
ATOM   573 C  CA  . ASP A 1 71 ? -10.149 -4.440  2.749   1.00 34.18 ? 452  ASP A CA  1 
ATOM   574 C  C   . ASP A 1 71 ? -9.164  -4.555  1.584   1.00 32.01 ? 452  ASP A C   1 
ATOM   575 O  O   . ASP A 1 71 ? -7.978  -4.747  1.786   1.00 35.61 ? 452  ASP A O   1 
ATOM   576 C  CB  . ASP A 1 71 ? -10.242 -2.986  3.245   1.00 36.42 ? 452  ASP A CB  1 
ATOM   577 C  CG  . ASP A 1 71 ? -11.506 -2.711  4.057   1.00 38.43 ? 452  ASP A CG  1 
ATOM   578 O  OD1 . ASP A 1 71 ? -11.633 -1.595  4.598   1.00 38.96 ? 452  ASP A OD1 1 
ATOM   579 O  OD2 . ASP A 1 71 ? -12.375 -3.598  4.163   1.00 39.37 ? 452  ASP A OD2 1 
ATOM   580 N  N   . ALA A 1 72 ? -9.671  -4.447  0.366   1.00 28.46 ? 453  ALA A N   1 
ATOM   581 C  CA  . ALA A 1 72 ? -8.843  -4.418  -0.824  1.00 31.00 ? 453  ALA A CA  1 
ATOM   582 C  C   . ALA A 1 72 ? -8.121  -3.076  -0.857  1.00 29.21 ? 453  ALA A C   1 
ATOM   583 O  O   . ALA A 1 72 ? -8.683  -2.106  -0.409  1.00 31.45 ? 453  ALA A O   1 
ATOM   584 C  CB  . ALA A 1 72 ? -9.722  -4.588  -2.054  1.00 27.24 ? 453  ALA A CB  1 
ATOM   585 N  N   . ILE A 1 73 ? -6.889  -3.002  -1.357  1.00 29.44 ? 454  ILE A N   1 
ATOM   586 C  CA  . ILE A 1 73 ? -6.233  -1.699  -1.484  1.00 29.50 ? 454  ILE A CA  1 
ATOM   587 C  C   . ILE A 1 73 ? -6.061  -1.199  -2.952  1.00 31.39 ? 454  ILE A C   1 
ATOM   588 O  O   . ILE A 1 73 ? -5.770  -1.979  -3.862  1.00 32.36 ? 454  ILE A O   1 
ATOM   589 C  CB  . ILE A 1 73 ? -4.868  -1.619  -0.748  1.00 29.93 ? 454  ILE A CB  1 
ATOM   590 C  CG1 . ILE A 1 73 ? -3.764  -2.082  -1.665  1.00 31.44 ? 454  ILE A CG1 1 
ATOM   591 C  CG2 . ILE A 1 73 ? -4.854  -2.383  0.566   1.00 28.49 ? 454  ILE A CG2 1 
ATOM   592 C  CD1 . ILE A 1 73 ? -2.424  -1.605  -1.213  1.00 36.20 ? 454  ILE A CD1 1 
ATOM   593 N  N   . PRO A 1 74 ? -6.246  0.117   -3.175  1.00 29.81 ? 455  PRO A N   1 
ATOM   594 C  CA  . PRO A 1 74 ? -6.222  0.695   -4.514  1.00 29.72 ? 455  PRO A CA  1 
ATOM   595 C  C   . PRO A 1 74 ? -4.816  0.810   -5.076  1.00 32.05 ? 455  PRO A C   1 
ATOM   596 O  O   . PRO A 1 74 ? -3.863  1.104   -4.352  1.00 29.06 ? 455  PRO A O   1 
ATOM   597 C  CB  . PRO A 1 74 ? -6.795  2.103   -4.308  1.00 27.08 ? 455  PRO A CB  1 
ATOM   598 C  CG  . PRO A 1 74 ? -7.287  2.145   -2.921  1.00 30.10 ? 455  PRO A CG  1 
ATOM   599 C  CD  . PRO A 1 74 ? -6.487  1.154   -2.162  1.00 32.35 ? 455  PRO A CD  1 
ATOM   600 N  N   . GLY A 1 75 ? -4.712  0.604   -6.385  1.00 30.71 ? 456  GLY A N   1 
ATOM   601 C  CA  . GLY A 1 75 ? -3.450  0.714   -7.076  1.00 30.31 ? 456  GLY A CA  1 
ATOM   602 C  C   . GLY A 1 75 ? -3.719  0.997   -8.527  1.00 29.63 ? 456  GLY A C   1 
ATOM   603 O  O   . GLY A 1 75 ? -4.800  1.423   -8.858  1.00 29.30 ? 456  GLY A O   1 
ATOM   604 N  N   . TRP A 1 76 ? -2.730  0.750   -9.377  1.00 32.09 ? 457  TRP A N   1 
ATOM   605 C  CA  . TRP A 1 76 ? -2.849  0.964   -10.804 1.00 31.35 ? 457  TRP A CA  1 
ATOM   606 C  C   . TRP A 1 76 ? -1.665  0.347   -11.541 1.00 34.49 ? 457  TRP A C   1 
ATOM   607 O  O   . TRP A 1 76 ? -0.514  0.616   -11.214 1.00 36.51 ? 457  TRP A O   1 
ATOM   608 C  CB  . TRP A 1 76 ? -2.913  2.455   -11.114 1.00 34.39 ? 457  TRP A CB  1 
ATOM   609 C  CG  . TRP A 1 76 ? -2.734  2.741   -12.568 1.00 38.60 ? 457  TRP A CG  1 
ATOM   610 C  CD1 . TRP A 1 76 ? -1.619  3.253   -13.173 1.00 41.90 ? 457  TRP A CD1 1 
ATOM   611 C  CD2 . TRP A 1 76 ? -3.688  2.498   -13.620 1.00 36.64 ? 457  TRP A CD2 1 
ATOM   612 N  NE1 . TRP A 1 76 ? -1.827  3.345   -14.533 1.00 42.12 ? 457  TRP A NE1 1 
ATOM   613 C  CE2 . TRP A 1 76 ? -3.089  2.893   -14.826 1.00 38.16 ? 457  TRP A CE2 1 
ATOM   614 C  CE3 . TRP A 1 76 ? -4.991  1.995   -13.649 1.00 38.48 ? 457  TRP A CE3 1 
ATOM   615 C  CZ2 . TRP A 1 76 ? -3.751  2.804   -16.050 1.00 40.38 ? 457  TRP A CZ2 1 
ATOM   616 C  CZ3 . TRP A 1 76 ? -5.643  1.907   -14.863 1.00 39.73 ? 457  TRP A CZ3 1 
ATOM   617 C  CH2 . TRP A 1 76 ? -5.026  2.308   -16.044 1.00 40.49 ? 457  TRP A CH2 1 
ATOM   618 N  N   . GLU A 1 77 ? -1.958  -0.464  -12.551 1.00 34.45 ? 458  GLU A N   1 
ATOM   619 C  CA  . GLU A 1 77 ? -0.932  -1.098  -13.374 1.00 35.06 ? 458  GLU A CA  1 
ATOM   620 C  C   . GLU A 1 77 ? 0.223   -1.660  -12.565 1.00 34.46 ? 458  GLU A C   1 
ATOM   621 O  O   . GLU A 1 77 ? 1.388   -1.418  -12.895 1.00 37.32 ? 458  GLU A O   1 
ATOM   622 C  CB  . GLU A 1 77 ? -0.389  -0.137  -14.429 1.00 37.74 ? 458  GLU A CB  1 
ATOM   623 C  CG  . GLU A 1 77 ? -1.392  0.224   -15.505 1.00 39.43 ? 458  GLU A CG  1 
ATOM   624 C  CD  . GLU A 1 77 ? -0.717  0.636   -16.792 1.00 42.53 ? 458  GLU A CD  1 
ATOM   625 O  OE1 . GLU A 1 77 ? 0.502   0.916   -16.746 1.00 50.38 ? 458  GLU A OE1 1 
ATOM   626 O  OE2 . GLU A 1 77 ? -1.387  0.670   -17.846 1.00 41.32 ? 458  GLU A OE2 1 
ATOM   627 N  N   . GLY A 1 78 ? -0.108  -2.409  -11.516 1.00 29.23 ? 459  GLY A N   1 
ATOM   628 C  CA  . GLY A 1 78 ? 0.870   -3.147  -10.750 1.00 28.20 ? 459  GLY A CA  1 
ATOM   629 C  C   . GLY A 1 78 ? 1.625   -2.328  -9.729  1.00 32.45 ? 459  GLY A C   1 
ATOM   630 O  O   . GLY A 1 78 ? 2.659   -2.765  -9.231  1.00 35.15 ? 459  GLY A O   1 
ATOM   631 N  N   . LYS A 1 79 ? 1.115   -1.143  -9.414  1.00 31.69 ? 460  LYS A N   1 
ATOM   632 C  CA  . LYS A 1 79 ? 1.784   -0.227  -8.502  1.00 30.30 ? 460  LYS A CA  1 
ATOM   633 C  C   . LYS A 1 79 ? 0.819   0.140   -7.402  1.00 31.02 ? 460  LYS A C   1 
ATOM   634 O  O   . LYS A 1 79 ? -0.341  0.414   -7.694  1.00 32.99 ? 460  LYS A O   1 
ATOM   635 C  CB  . LYS A 1 79 ? 2.130   1.058   -9.241  1.00 30.70 ? 460  LYS A CB  1 
ATOM   636 C  CG  . LYS A 1 79 ? 3.433   1.062   -10.010 1.00 34.17 ? 460  LYS A CG  1 
ATOM   637 C  CD  . LYS A 1 79 ? 3.294   1.933   -11.250 1.00 32.74 ? 460  LYS A CD  1 
ATOM   638 C  CE  . LYS A 1 79 ? 2.707   1.105   -12.367 1.00 34.58 ? 460  LYS A CE  1 
ATOM   639 N  NZ  . LYS A 1 79 ? 1.702   1.834   -13.146 1.00 36.71 ? 460  LYS A NZ  1 
ATOM   640 N  N   . ILE A 1 80 ? 1.280   0.171   -6.152  1.00 28.56 ? 461  ILE A N   1 
ATOM   641 C  CA  . ILE A 1 80 ? 0.531   0.800   -5.068  1.00 26.03 ? 461  ILE A CA  1 
ATOM   642 C  C   . ILE A 1 80 ? 1.354   1.927   -4.446  1.00 27.35 ? 461  ILE A C   1 
ATOM   643 O  O   . ILE A 1 80 ? 2.565   1.800   -4.282  1.00 29.51 ? 461  ILE A O   1 
ATOM   644 C  CB  . ILE A 1 80 ? 0.184   -0.203  -3.979  1.00 27.28 ? 461  ILE A CB  1 
ATOM   645 C  CG1 . ILE A 1 80 ? -0.939  -1.116  -4.451  1.00 27.68 ? 461  ILE A CG1 1 
ATOM   646 C  CG2 . ILE A 1 80 ? -0.212  0.508   -2.708  1.00 27.00 ? 461  ILE A CG2 1 
ATOM   647 C  CD1 . ILE A 1 80 ? -0.906  -2.489  -3.812  1.00 29.69 ? 461  ILE A CD1 1 
ATOM   648 N  N   . VAL A 1 81 ? 0.707   3.038   -4.119  1.00 24.94 ? 462  VAL A N   1 
ATOM   649 C  CA  . VAL A 1 81 ? 1.369   4.109   -3.379  1.00 25.55 ? 462  VAL A CA  1 
ATOM   650 C  C   . VAL A 1 81 ? 0.650   4.359   -2.051  1.00 24.45 ? 462  VAL A C   1 
ATOM   651 O  O   . VAL A 1 81 ? -0.569  4.519   -2.033  1.00 26.18 ? 462  VAL A O   1 
ATOM   652 C  CB  . VAL A 1 81 ? 1.436   5.400   -4.211  1.00 26.56 ? 462  VAL A CB  1 
ATOM   653 C  CG1 . VAL A 1 81 ? 2.337   6.415   -3.551  1.00 26.26 ? 462  VAL A CG1 1 
ATOM   654 C  CG2 . VAL A 1 81 ? 1.921   5.094   -5.628  1.00 26.71 ? 462  VAL A CG2 1 
ATOM   655 N  N   . ALA A 1 82 ? 1.399   4.373   -0.949  1.00 25.32 ? 463  ALA A N   1 
ATOM   656 C  CA  . ALA A 1 82 ? 0.816   4.382   0.389   1.00 25.72 ? 463  ALA A CA  1 
ATOM   657 C  C   . ALA A 1 82 ? 1.563   5.330   1.283   1.00 27.97 ? 463  ALA A C   1 
ATOM   658 O  O   . ALA A 1 82 ? 2.728   5.635   1.032   1.00 29.20 ? 463  ALA A O   1 
ATOM   659 C  CB  . ALA A 1 82 ? 0.861   2.989   0.999   1.00 26.70 ? 463  ALA A CB  1 
ATOM   660 N  N   . TRP A 1 83 ? 0.886   5.809   2.321   1.00 29.27 ? 464  TRP A N   1 
ATOM   661 C  CA  . TRP A 1 83 ? 1.545   6.542   3.398   1.00 31.27 ? 464  TRP A CA  1 
ATOM   662 C  C   . TRP A 1 83 ? 1.219   5.889   4.727   1.00 33.70 ? 464  TRP A C   1 
ATOM   663 O  O   . TRP A 1 83 ? 0.069   5.515   4.965   1.00 33.13 ? 464  TRP A O   1 
ATOM   664 C  CB  . TRP A 1 83 ? 1.084   7.992   3.444   1.00 28.16 ? 464  TRP A CB  1 
ATOM   665 C  CG  . TRP A 1 83 ? 1.494   8.767   2.269   1.00 30.27 ? 464  TRP A CG  1 
ATOM   666 C  CD1 . TRP A 1 83 ? 2.522   9.670   2.192   1.00 29.43 ? 464  TRP A CD1 1 
ATOM   667 C  CD2 . TRP A 1 83 ? 0.893   8.728   0.953   1.00 30.46 ? 464  TRP A CD2 1 
ATOM   668 N  NE1 . TRP A 1 83 ? 2.591   10.189  0.917   1.00 28.54 ? 464  TRP A NE1 1 
ATOM   669 C  CE2 . TRP A 1 83 ? 1.607   9.622   0.145   1.00 28.12 ? 464  TRP A CE2 1 
ATOM   670 C  CE3 . TRP A 1 83 ? -0.182  8.009   0.398   1.00 27.79 ? 464  TRP A CE3 1 
ATOM   671 C  CZ2 . TRP A 1 83 ? 1.281   9.815   -1.205  1.00 28.85 ? 464  TRP A CZ2 1 
ATOM   672 C  CZ3 . TRP A 1 83 ? -0.506  8.213   -0.924  1.00 24.72 ? 464  TRP A CZ3 1 
ATOM   673 C  CH2 . TRP A 1 83 ? 0.217   9.100   -1.712  1.00 26.76 ? 464  TRP A CH2 1 
ATOM   674 N  N   . VAL A 1 84 ? 2.239   5.754   5.581   1.00 36.60 ? 465  VAL A N   1 
ATOM   675 C  CA  . VAL A 1 84 ? 2.068   5.246   6.943   1.00 35.46 ? 465  VAL A CA  1 
ATOM   676 C  C   . VAL A 1 84 ? 2.362   6.314   8.015   1.00 39.65 ? 465  VAL A C   1 
ATOM   677 O  O   . VAL A 1 84 ? 3.301   7.100   7.881   1.00 43.36 ? 465  VAL A O   1 
ATOM   678 C  CB  . VAL A 1 84 ? 2.947   4.029   7.185   1.00 34.69 ? 465  VAL A CB  1 
ATOM   679 C  CG1 . VAL A 1 84 ? 2.477   3.294   8.415   1.00 38.11 ? 465  VAL A CG1 1 
ATOM   680 C  CG2 . VAL A 1 84 ? 2.890   3.111   5.990   1.00 33.28 ? 465  VAL A CG2 1 
ATOM   681 N  N   . GLU A 1 85 ? 1.531   6.356   9.054   1.00 42.05 ? 466  GLU A N   1 
ATOM   682 C  CA  . GLU A 1 85 ? 1.720   7.269   10.171  1.00 44.18 ? 466  GLU A CA  1 
ATOM   683 C  C   . GLU A 1 85 ? 1.629   6.525   11.487  1.00 49.77 ? 466  GLU A C   1 
ATOM   684 O  O   . GLU A 1 85 ? 1.009   5.461   11.582  1.00 48.17 ? 466  GLU A O   1 
ATOM   685 C  CB  . GLU A 1 85 ? 0.629   8.320   10.210  1.00 45.39 ? 466  GLU A CB  1 
ATOM   686 C  CG  . GLU A 1 85 ? 0.548   9.228   9.040   1.00 45.34 ? 466  GLU A CG  1 
ATOM   687 C  CD  . GLU A 1 85 ? -0.781  9.956   9.011   1.00 48.70 ? 466  GLU A CD  1 
ATOM   688 O  OE1 . GLU A 1 85 ? -0.982  10.787  8.102   1.00 47.98 ? 466  GLU A OE1 1 
ATOM   689 O  OE2 . GLU A 1 85 ? -1.629  9.688   9.898   1.00 49.44 ? 466  GLU A OE2 1 
ATOM   690 N  N   . GLU A 1 86 ? 2.223   7.122   12.514  1.00 58.75 ? 467  GLU A N   1 
ATOM   691 C  CA  . GLU A 1 86 ? 2.060   6.644   13.873  1.00 56.85 ? 467  GLU A CA  1 
ATOM   692 C  C   . GLU A 1 86 ? 0.650   6.998   14.320  1.00 56.17 ? 467  GLU A C   1 
ATOM   693 O  O   . GLU A 1 86 ? 0.144   8.095   14.059  1.00 53.68 ? 467  GLU A O   1 
ATOM   694 C  CB  . GLU A 1 86 ? 3.072   7.310   14.802  1.00 59.93 ? 467  GLU A CB  1 
ATOM   695 C  CG  . GLU A 1 86 ? 4.474   7.444   14.234  1.00 65.16 ? 467  GLU A CG  1 
ATOM   696 C  CD  . GLU A 1 86 ? 5.166   8.722   14.696  1.00 70.08 ? 467  GLU A CD  1 
ATOM   697 O  OE1 . GLU A 1 86 ? 4.521   9.802   14.697  1.00 67.09 ? 467  GLU A OE1 1 
ATOM   698 O  OE2 . GLU A 1 86 ? 6.360   8.644   15.052  1.00 68.48 ? 467  GLU A OE2 1 
ATOM   699 N  N   . ASP A 1 87 ? 0.016   6.058   15.000  1.00 55.04 ? 468  ASP A N   1 
ATOM   700 C  CA  . ASP A 1 87 ? -1.343  6.260   15.450  1.00 58.27 ? 468  ASP A CA  1 
ATOM   701 C  C   . ASP A 1 87 ? -1.445  6.234   16.982  1.00 68.26 ? 468  ASP A C   1 
ATOM   702 O  O   . ASP A 1 87 ? -1.289  5.190   17.629  1.00 64.48 ? 468  ASP A O   1 
ATOM   703 C  CB  . ASP A 1 87 ? -2.260  5.209   14.825  1.00 53.01 ? 468  ASP A CB  1 
ATOM   704 C  CG  . ASP A 1 87 ? -3.715  5.625   14.845  1.00 59.00 ? 468  ASP A CG  1 
ATOM   705 O  OD1 . ASP A 1 87 ? -3.984  6.837   14.680  1.00 62.97 ? 468  ASP A OD1 1 
ATOM   706 O  OD2 . ASP A 1 87 ? -4.585  4.745   15.023  1.00 60.66 ? 468  ASP A OD2 1 
HETATM 707 C  C1  . EDO B 2 .  ? 4.508   9.535   -6.604  1.00 38.87 ? 3318 EDO A C1  1 
HETATM 708 O  O1  . EDO B 2 .  ? 4.123   8.463   -7.493  1.00 40.10 ? 3318 EDO A O1  1 
HETATM 709 C  C2  . EDO B 2 .  ? 3.635   9.667   -5.352  1.00 32.98 ? 3318 EDO A C2  1 
HETATM 710 O  O2  . EDO B 2 .  ? 2.717   10.775  -5.379  1.00 30.57 ? 3318 EDO A O2  1 
HETATM 711 O  O   . HOH C 3 .  ? 11.843  -13.072 -12.429 1.00 35.32 ? 1    HOH A O   1 
HETATM 712 O  O   . HOH C 3 .  ? -11.689 7.442   -10.434 1.00 29.03 ? 2    HOH A O   1 
HETATM 713 O  O   . HOH C 3 .  ? 16.037  9.550   4.353   1.00 30.14 ? 3    HOH A O   1 
HETATM 714 O  O   . HOH C 3 .  ? -8.127  -4.404  -5.117  1.00 40.97 ? 4    HOH A O   1 
HETATM 715 O  O   . HOH C 3 .  ? 0.771   -9.922  -11.904 1.00 40.32 ? 5    HOH A O   1 
HETATM 716 O  O   . HOH C 3 .  ? -4.080  -11.983 3.092   1.00 37.19 ? 6    HOH A O   1 
HETATM 717 O  O   . HOH C 3 .  ? -12.533 5.156   -6.773  1.00 39.94 ? 7    HOH A O   1 
HETATM 718 O  O   . HOH C 3 .  ? -4.880  14.652  -9.628  1.00 29.56 ? 8    HOH A O   1 
HETATM 719 O  O   . HOH C 3 .  ? -13.486 4.933   -3.965  1.00 36.94 ? 9    HOH A O   1 
HETATM 720 O  O   . HOH C 3 .  ? 3.853   9.649   6.407   1.00 33.23 ? 10   HOH A O   1 
HETATM 721 O  O   . HOH C 3 .  ? -1.499  10.753  -10.028 1.00 29.34 ? 11   HOH A O   1 
HETATM 722 O  O   . HOH C 3 .  ? 1.808   11.589  12.971  1.00 52.98 ? 12   HOH A O   1 
HETATM 723 O  O   . HOH C 3 .  ? -8.400  4.278   -7.353  1.00 36.97 ? 13   HOH A O   1 
HETATM 724 O  O   . HOH C 3 .  ? 0.360   11.901  -5.398  1.00 31.36 ? 14   HOH A O   1 
HETATM 725 O  O   . HOH C 3 .  ? -5.783  3.377   9.096   1.00 36.34 ? 15   HOH A O   1 
HETATM 726 O  O   . HOH C 3 .  ? -3.432  4.954   -8.560  1.00 31.78 ? 16   HOH A O   1 
HETATM 727 O  O   . HOH C 3 .  ? 10.199  -3.646  -6.992  1.00 34.51 ? 17   HOH A O   1 
HETATM 728 O  O   . HOH C 3 .  ? -3.808  0.737   14.936  1.00 50.04 ? 18   HOH A O   1 
HETATM 729 O  O   . HOH C 3 .  ? -2.351  3.037   -4.564  1.00 27.74 ? 19   HOH A O   1 
HETATM 730 O  O   . HOH C 3 .  ? -3.876  -13.249 7.015   1.00 40.27 ? 20   HOH A O   1 
HETATM 731 O  O   . HOH C 3 .  ? 15.655  -10.897 -7.823  0.50 32.00 ? 21   HOH A O   1 
HETATM 732 O  O   . HOH C 3 .  ? -2.516  -15.315 9.590   1.00 45.06 ? 22   HOH A O   1 
HETATM 733 O  O   . HOH C 3 .  ? 9.320   7.545   3.876   1.00 39.54 ? 23   HOH A O   1 
HETATM 734 O  O   . HOH C 3 .  ? -2.098  -13.405 -7.453  1.00 49.66 ? 24   HOH A O   1 
HETATM 735 O  O   . HOH C 3 .  ? -7.810  -4.587  11.474  1.00 45.23 ? 25   HOH A O   1 
HETATM 736 O  O   . HOH C 3 .  ? 0.014   4.702   -9.528  1.00 37.83 ? 26   HOH A O   1 
HETATM 737 O  O   . HOH C 3 .  ? -1.720  -7.291  12.220  1.00 46.31 ? 27   HOH A O   1 
HETATM 738 O  O   . HOH C 3 .  ? -0.393  -12.363 -15.939 1.00 49.95 ? 28   HOH A O   1 
HETATM 739 O  O   . HOH C 3 .  ? -4.716  -16.302 -8.178  1.00 48.58 ? 29   HOH A O   1 
HETATM 740 O  O   . HOH C 3 .  ? -10.278 -0.696  -3.777  1.00 35.72 ? 30   HOH A O   1 
HETATM 741 O  O   . HOH C 3 .  ? -16.396 4.745   -3.883  1.00 41.93 ? 31   HOH A O   1 
HETATM 742 O  O   . HOH C 3 .  ? -1.197  3.757   -7.673  1.00 32.01 ? 32   HOH A O   1 
HETATM 743 O  O   . HOH C 3 .  ? 15.387  -11.853 -5.197  1.00 41.07 ? 33   HOH A O   1 
HETATM 744 O  O   . HOH C 3 .  ? 11.036  -3.755  -9.295  1.00 38.18 ? 34   HOH A O   1 
HETATM 745 O  O   . HOH C 3 .  ? 12.413  -4.785  -4.773  1.00 39.41 ? 35   HOH A O   1 
HETATM 746 O  O   . HOH C 3 .  ? -6.613  4.249   12.640  1.00 43.58 ? 36   HOH A O   1 
HETATM 747 O  O   . HOH C 3 .  ? 17.331  -11.777 -9.574  1.00 49.31 ? 37   HOH A O   1 
HETATM 748 O  O   . HOH C 3 .  ? 7.580   3.080   10.966  1.00 50.19 ? 38   HOH A O   1 
HETATM 749 O  O   . HOH C 3 .  ? -1.767  -0.498  13.221  1.00 49.40 ? 39   HOH A O   1 
HETATM 750 O  O   . HOH C 3 .  ? -4.874  -14.140 3.023   1.00 46.36 ? 40   HOH A O   1 
# 
